data_1K51
# 
_entry.id   1K51 
# 
_audit_conform.dict_name       mmcif_pdbx.dic 
_audit_conform.dict_version    5.376 
_audit_conform.dict_location   http://mmcif.pdb.org/dictionaries/ascii/mmcif_pdbx.dic 
# 
loop_
_database_2.database_id 
_database_2.database_code 
_database_2.pdbx_database_accession 
_database_2.pdbx_DOI 
PDB   1K51         pdb_00001k51 10.2210/pdb1k51/pdb 
RCSB  RCSB014568   ?            ?                   
WWPDB D_1000014568 ?            ?                   
# 
loop_
_pdbx_database_related.db_name 
_pdbx_database_related.db_id 
_pdbx_database_related.details 
_pdbx_database_related.content_type 
PDB 1hz5 
;Monomeric WT Protein L B1 domain with Y47W substitution, Zn-coordinated His-tag'
;
unspecified 
PDB 1hz6 'Monomeric WT Protein L B1 domain with Y47W substitution.'                                  unspecified 
PDB 1JML 
;CONVERSION OF MONOMERIC PROTEIN L TO AN OBLIGATE DIMER BY  
COMPUTATIONAL PROTEIN DESIGN.
;
unspecified 
PDB 1K50 'A V49A MUTATION INDUCES 3D DOMAIN SWAPPING IN THE B1 DOMAIN.'                              unspecified 
PDB 1K52 'Monomeric Protein L B1 Domain with a K54G mutation.'                                       unspecified 
PDB 1K53 'MONOMERIC PROTEIN L B1 DOMAIN WITH A G15A MUTATION.'                                       unspecified 
# 
_pdbx_database_status.status_code                     REL 
_pdbx_database_status.entry_id                        1K51 
_pdbx_database_status.recvd_initial_deposition_date   2001-10-09 
_pdbx_database_status.deposit_site                    RCSB 
_pdbx_database_status.process_site                    RCSB 
_pdbx_database_status.status_code_sf                  REL 
_pdbx_database_status.SG_entry                        . 
_pdbx_database_status.pdb_format_compatible           Y 
_pdbx_database_status.status_code_mr                  ? 
_pdbx_database_status.status_code_cs                  ? 
_pdbx_database_status.status_code_nmr_data            ? 
_pdbx_database_status.methods_development_category    ? 
# 
loop_
_audit_author.name 
_audit_author.pdbx_ordinal 
;O'Neill, J.W.
;
1 
'Kim, D.E.'     2 
'Johnsen, K.'   3 
'Baker, D.'     4 
'Zhang, K.Y.J.' 5 
# 
_citation.id                        primary 
_citation.title                     
'Single-site mutations induce 3D domain swapping in the B1 domain of protein L from Peptostreptococcus magnus.' 
_citation.journal_abbrev            Structure 
_citation.journal_volume            9 
_citation.page_first                1017 
_citation.page_last                 1027 
_citation.year                      2001 
_citation.journal_id_ASTM           STRUE6 
_citation.country                   UK 
_citation.journal_id_ISSN           0969-2126 
_citation.journal_id_CSD            2005 
_citation.book_publisher            ? 
_citation.pdbx_database_id_PubMed   11709166 
_citation.pdbx_database_id_DOI      '10.1016/S0969-2126(01)00667-0' 
# 
loop_
_citation_author.citation_id 
_citation_author.name 
_citation_author.ordinal 
_citation_author.identifier_ORCID 
primary 
;O'Neill, J.W.
;
1 ? 
primary 'Kim, D.E.'     2 ? 
primary 'Johnsen, K.'   3 ? 
primary 'Baker, D.'     4 ? 
primary 'Zhang, K.Y.'   5 ? 
# 
_cell.entry_id           1K51 
_cell.length_a           48.008 
_cell.length_b           75.125 
_cell.length_c           60.091 
_cell.angle_alpha        90.00 
_cell.angle_beta         90.00 
_cell.angle_gamma        90.00 
_cell.Z_PDB              8 
_cell.pdbx_unique_axis   ? 
# 
_symmetry.entry_id                         1K51 
_symmetry.space_group_name_H-M             'C 2 2 21' 
_symmetry.pdbx_full_space_group_name_H-M   ? 
_symmetry.cell_setting                     ? 
_symmetry.Int_Tables_number                20 
# 
loop_
_entity.id 
_entity.type 
_entity.src_method 
_entity.pdbx_description 
_entity.formula_weight 
_entity.pdbx_number_of_molecules 
_entity.pdbx_ec 
_entity.pdbx_mutation 
_entity.pdbx_fragment 
_entity.details 
1 polymer     man 'Protein L' 8066.934 1  ? 'G55A, Y47W' 'B1 domain (Residues 111-173)' ? 
2 non-polymer syn 'ZINC ION'  65.409   3  ? ?            ?                              ? 
3 water       nat water       18.015   68 ? ?            ?                              ? 
# 
_entity_poly.entity_id                      1 
_entity_poly.type                           'polypeptide(L)' 
_entity_poly.nstd_linkage                   no 
_entity_poly.nstd_monomer                   no 
_entity_poly.pdbx_seq_one_letter_code       MHHHHHHAMEEVTIKANLIFANGSTQTAEFKGTFEKATSEAYAYADTLKKDNGEWTVDVADKAYTLNIKFAG 
_entity_poly.pdbx_seq_one_letter_code_can   MHHHHHHAMEEVTIKANLIFANGSTQTAEFKGTFEKATSEAYAYADTLKKDNGEWTVDVADKAYTLNIKFAG 
_entity_poly.pdbx_strand_id                 A 
_entity_poly.pdbx_target_identifier         ? 
# 
loop_
_entity_poly_seq.entity_id 
_entity_poly_seq.num 
_entity_poly_seq.mon_id 
_entity_poly_seq.hetero 
1 1  MET n 
1 2  HIS n 
1 3  HIS n 
1 4  HIS n 
1 5  HIS n 
1 6  HIS n 
1 7  HIS n 
1 8  ALA n 
1 9  MET n 
1 10 GLU n 
1 11 GLU n 
1 12 VAL n 
1 13 THR n 
1 14 ILE n 
1 15 LYS n 
1 16 ALA n 
1 17 ASN n 
1 18 LEU n 
1 19 ILE n 
1 20 PHE n 
1 21 ALA n 
1 22 ASN n 
1 23 GLY n 
1 24 SER n 
1 25 THR n 
1 26 GLN n 
1 27 THR n 
1 28 ALA n 
1 29 GLU n 
1 30 PHE n 
1 31 LYS n 
1 32 GLY n 
1 33 THR n 
1 34 PHE n 
1 35 GLU n 
1 36 LYS n 
1 37 ALA n 
1 38 THR n 
1 39 SER n 
1 40 GLU n 
1 41 ALA n 
1 42 TYR n 
1 43 ALA n 
1 44 TYR n 
1 45 ALA n 
1 46 ASP n 
1 47 THR n 
1 48 LEU n 
1 49 LYS n 
1 50 LYS n 
1 51 ASP n 
1 52 ASN n 
1 53 GLY n 
1 54 GLU n 
1 55 TRP n 
1 56 THR n 
1 57 VAL n 
1 58 ASP n 
1 59 VAL n 
1 60 ALA n 
1 61 ASP n 
1 62 LYS n 
1 63 ALA n 
1 64 TYR n 
1 65 THR n 
1 66 LEU n 
1 67 ASN n 
1 68 ILE n 
1 69 LYS n 
1 70 PHE n 
1 71 ALA n 
1 72 GLY n 
# 
_entity_src_gen.entity_id                          1 
_entity_src_gen.pdbx_src_id                        1 
_entity_src_gen.pdbx_alt_source_flag               sample 
_entity_src_gen.pdbx_seq_type                      ? 
_entity_src_gen.pdbx_beg_seq_num                   ? 
_entity_src_gen.pdbx_end_seq_num                   ? 
_entity_src_gen.gene_src_common_name               ? 
_entity_src_gen.gene_src_genus                     Finegoldia 
_entity_src_gen.pdbx_gene_src_gene                 'Protein L, B1 domain' 
_entity_src_gen.gene_src_species                   'Finegoldia magna' 
_entity_src_gen.gene_src_strain                    'ATCC 29328' 
_entity_src_gen.gene_src_tissue                    ? 
_entity_src_gen.gene_src_tissue_fraction           ? 
_entity_src_gen.gene_src_details                   ? 
_entity_src_gen.pdbx_gene_src_fragment             ? 
_entity_src_gen.pdbx_gene_src_scientific_name      'Finegoldia magna' 
_entity_src_gen.pdbx_gene_src_ncbi_taxonomy_id     334413 
_entity_src_gen.pdbx_gene_src_variant              ? 
_entity_src_gen.pdbx_gene_src_cell_line            ? 
_entity_src_gen.pdbx_gene_src_atcc                 ? 
_entity_src_gen.pdbx_gene_src_organ                ? 
_entity_src_gen.pdbx_gene_src_organelle            ? 
_entity_src_gen.pdbx_gene_src_cell                 ? 
_entity_src_gen.pdbx_gene_src_cellular_location    ? 
_entity_src_gen.host_org_common_name               ? 
_entity_src_gen.pdbx_host_org_scientific_name      'Escherichia coli BL21(DE3)' 
_entity_src_gen.pdbx_host_org_ncbi_taxonomy_id     469008 
_entity_src_gen.host_org_genus                     Escherichia 
_entity_src_gen.pdbx_host_org_gene                 ? 
_entity_src_gen.pdbx_host_org_organ                ? 
_entity_src_gen.host_org_species                   'Escherichia coli' 
_entity_src_gen.pdbx_host_org_tissue               ? 
_entity_src_gen.pdbx_host_org_tissue_fraction      ? 
_entity_src_gen.pdbx_host_org_strain               'BL21(DE3)' 
_entity_src_gen.pdbx_host_org_variant              ? 
_entity_src_gen.pdbx_host_org_cell_line            ? 
_entity_src_gen.pdbx_host_org_atcc                 ? 
_entity_src_gen.pdbx_host_org_culture_collection   ? 
_entity_src_gen.pdbx_host_org_cell                 ? 
_entity_src_gen.pdbx_host_org_organelle            ? 
_entity_src_gen.pdbx_host_org_cellular_location    ? 
_entity_src_gen.pdbx_host_org_vector_type          Plasmid 
_entity_src_gen.pdbx_host_org_vector               ? 
_entity_src_gen.host_org_details                   ? 
_entity_src_gen.expression_system_id               ? 
_entity_src_gen.plasmid_name                       pET3a 
_entity_src_gen.plasmid_details                    ? 
_entity_src_gen.pdbx_description                   ? 
# 
_struct_ref.id                         1 
_struct_ref.db_name                    UNP 
_struct_ref.db_code                    Q51912_PEPMA 
_struct_ref.entity_id                  1 
_struct_ref.pdbx_seq_one_letter_code   EEVTIKANLIFANGSTQTAEFKGTFEKATSEAYAYADTLKKDNGEYTVDVADKGYTLNIKFAG 
_struct_ref.pdbx_align_begin           111 
_struct_ref.pdbx_db_accession          Q51912 
_struct_ref.pdbx_db_isoform            ? 
# 
_struct_ref_seq.align_id                      1 
_struct_ref_seq.ref_id                        1 
_struct_ref_seq.pdbx_PDB_id_code              1K51 
_struct_ref_seq.pdbx_strand_id                A 
_struct_ref_seq.seq_align_beg                 10 
_struct_ref_seq.pdbx_seq_align_beg_ins_code   ? 
_struct_ref_seq.seq_align_end                 72 
_struct_ref_seq.pdbx_seq_align_end_ins_code   ? 
_struct_ref_seq.pdbx_db_accession             Q51912 
_struct_ref_seq.db_align_beg                  111 
_struct_ref_seq.pdbx_db_align_beg_ins_code    ? 
_struct_ref_seq.db_align_end                  173 
_struct_ref_seq.pdbx_db_align_end_ins_code    ? 
_struct_ref_seq.pdbx_auth_seq_align_beg       2 
_struct_ref_seq.pdbx_auth_seq_align_end       64 
# 
loop_
_struct_ref_seq_dif.align_id 
_struct_ref_seq_dif.pdbx_pdb_id_code 
_struct_ref_seq_dif.mon_id 
_struct_ref_seq_dif.pdbx_pdb_strand_id 
_struct_ref_seq_dif.seq_num 
_struct_ref_seq_dif.pdbx_pdb_ins_code 
_struct_ref_seq_dif.pdbx_seq_db_name 
_struct_ref_seq_dif.pdbx_seq_db_accession_code 
_struct_ref_seq_dif.db_mon_id 
_struct_ref_seq_dif.pdbx_seq_db_seq_num 
_struct_ref_seq_dif.details 
_struct_ref_seq_dif.pdbx_auth_seq_num 
_struct_ref_seq_dif.pdbx_ordinal 
1 1K51 MET A 1  ? UNP Q51912 ?   ?   'expression tag'      -7 1  
1 1K51 HIS A 2  ? UNP Q51912 ?   ?   'expression tag'      -6 2  
1 1K51 HIS A 3  ? UNP Q51912 ?   ?   'expression tag'      -5 3  
1 1K51 HIS A 4  ? UNP Q51912 ?   ?   'expression tag'      -4 4  
1 1K51 HIS A 5  ? UNP Q51912 ?   ?   'expression tag'      -3 5  
1 1K51 HIS A 6  ? UNP Q51912 ?   ?   'expression tag'      -2 6  
1 1K51 HIS A 7  ? UNP Q51912 ?   ?   'expression tag'      -1 7  
1 1K51 ALA A 8  ? UNP Q51912 ?   ?   'expression tag'      0  8  
1 1K51 MET A 9  ? UNP Q51912 ?   ?   'expression tag'      1  9  
1 1K51 TRP A 55 ? UNP Q51912 TYR 156 'engineered mutation' 47 10 
1 1K51 ALA A 63 ? UNP Q51912 GLY 164 'engineered mutation' 55 11 
# 
loop_
_chem_comp.id 
_chem_comp.type 
_chem_comp.mon_nstd_flag 
_chem_comp.name 
_chem_comp.pdbx_synonyms 
_chem_comp.formula 
_chem_comp.formula_weight 
ALA 'L-peptide linking' y ALANINE         ? 'C3 H7 N O2'     89.093  
ASN 'L-peptide linking' y ASPARAGINE      ? 'C4 H8 N2 O3'    132.118 
ASP 'L-peptide linking' y 'ASPARTIC ACID' ? 'C4 H7 N O4'     133.103 
GLN 'L-peptide linking' y GLUTAMINE       ? 'C5 H10 N2 O3'   146.144 
GLU 'L-peptide linking' y 'GLUTAMIC ACID' ? 'C5 H9 N O4'     147.129 
GLY 'peptide linking'   y GLYCINE         ? 'C2 H5 N O2'     75.067  
HIS 'L-peptide linking' y HISTIDINE       ? 'C6 H10 N3 O2 1' 156.162 
HOH non-polymer         . WATER           ? 'H2 O'           18.015  
ILE 'L-peptide linking' y ISOLEUCINE      ? 'C6 H13 N O2'    131.173 
LEU 'L-peptide linking' y LEUCINE         ? 'C6 H13 N O2'    131.173 
LYS 'L-peptide linking' y LYSINE          ? 'C6 H15 N2 O2 1' 147.195 
MET 'L-peptide linking' y METHIONINE      ? 'C5 H11 N O2 S'  149.211 
PHE 'L-peptide linking' y PHENYLALANINE   ? 'C9 H11 N O2'    165.189 
SER 'L-peptide linking' y SERINE          ? 'C3 H7 N O3'     105.093 
THR 'L-peptide linking' y THREONINE       ? 'C4 H9 N O3'     119.119 
TRP 'L-peptide linking' y TRYPTOPHAN      ? 'C11 H12 N2 O2'  204.225 
TYR 'L-peptide linking' y TYROSINE        ? 'C9 H11 N O3'    181.189 
VAL 'L-peptide linking' y VALINE          ? 'C5 H11 N O2'    117.146 
ZN  non-polymer         . 'ZINC ION'      ? 'Zn 2'           65.409  
# 
_exptl.entry_id          1K51 
_exptl.method            'X-RAY DIFFRACTION' 
_exptl.crystals_number   1 
# 
_exptl_crystal.id                    1 
_exptl_crystal.density_meas          ? 
_exptl_crystal.density_Matthews      3.36 
_exptl_crystal.density_percent_sol   63.37 
_exptl_crystal.description           ? 
# 
_exptl_crystal_grow.crystal_id      1 
_exptl_crystal_grow.method          'VAPOR DIFFUSION, HANGING DROP' 
_exptl_crystal_grow.temp            277 
_exptl_crystal_grow.temp_details    ? 
_exptl_crystal_grow.pH              6.5 
_exptl_crystal_grow.pdbx_details    '225mM ZnOAc, 2% PEG8000, pH 6.5, VAPOR DIFFUSION, HANGING DROP, temperature 277K' 
_exptl_crystal_grow.pdbx_pH_range   . 
# 
_diffrn.id                     1 
_diffrn.ambient_temp           100 
_diffrn.ambient_temp_details   ? 
_diffrn.crystal_id             1 
# 
_diffrn_detector.diffrn_id              1 
_diffrn_detector.detector               'IMAGE PLATE' 
_diffrn_detector.type                   'RIGAKU RAXIS IV' 
_diffrn_detector.pdbx_collection_date   1999-11-28 
_diffrn_detector.details                mirrors 
# 
_diffrn_radiation.diffrn_id                        1 
_diffrn_radiation.wavelength_id                    1 
_diffrn_radiation.pdbx_monochromatic_or_laue_m_l   M 
_diffrn_radiation.monochromator                    Mirrors 
_diffrn_radiation.pdbx_diffrn_protocol             'SINGLE WAVELENGTH' 
_diffrn_radiation.pdbx_scattering_type             x-ray 
# 
_diffrn_radiation_wavelength.id           1 
_diffrn_radiation_wavelength.wavelength   1.5418 
_diffrn_radiation_wavelength.wt           1.0 
# 
_diffrn_source.diffrn_id                   1 
_diffrn_source.source                      'ROTATING ANODE' 
_diffrn_source.type                        RIGAKU 
_diffrn_source.pdbx_synchrotron_site       ? 
_diffrn_source.pdbx_synchrotron_beamline   ? 
_diffrn_source.pdbx_wavelength             ? 
_diffrn_source.pdbx_wavelength_list        1.5418 
# 
_reflns.entry_id                     1K51 
_reflns.observed_criterion_sigma_I   -3 
_reflns.observed_criterion_sigma_F   0 
_reflns.d_resolution_low             50 
_reflns.d_resolution_high            1.8 
_reflns.number_obs                   10272 
_reflns.number_all                   10417 
_reflns.percent_possible_obs         98.6 
_reflns.pdbx_Rmerge_I_obs            0.0560000 
_reflns.pdbx_Rsym_value              0.0610000 
_reflns.pdbx_netI_over_sigmaI        31.6 
_reflns.B_iso_Wilson_estimate        17.2 
_reflns.pdbx_redundancy              5.7 
_reflns.R_free_details               ? 
_reflns.limit_h_max                  ? 
_reflns.limit_h_min                  ? 
_reflns.limit_k_max                  ? 
_reflns.limit_k_min                  ? 
_reflns.limit_l_max                  ? 
_reflns.limit_l_min                  ? 
_reflns.observed_criterion_F_max     ? 
_reflns.observed_criterion_F_min     ? 
_reflns.pdbx_ordinal                 1 
_reflns.pdbx_diffrn_id               1 
# 
_reflns_shell.d_res_high             1.8 
_reflns_shell.d_res_low              1.86 
_reflns_shell.percent_possible_all   95.6 
_reflns_shell.Rmerge_I_obs           0.1340000 
_reflns_shell.pdbx_Rsym_value        0.1330000 
_reflns_shell.meanI_over_sigI_obs    2.9 
_reflns_shell.pdbx_redundancy        5.4 
_reflns_shell.percent_possible_obs   ? 
_reflns_shell.number_unique_all      980 
_reflns_shell.pdbx_ordinal           1 
_reflns_shell.pdbx_diffrn_id         1 
# 
_refine.entry_id                                 1K51 
_refine.ls_number_reflns_obs                     10255 
_refine.ls_number_reflns_all                     10272 
_refine.pdbx_ls_sigma_I                          0 
_refine.pdbx_ls_sigma_F                          0 
_refine.pdbx_data_cutoff_high_absF               1343900.09 
_refine.pdbx_data_cutoff_low_absF                0.000000 
_refine.ls_d_res_low                             23.46 
_refine.ls_d_res_high                            1.80 
_refine.ls_percent_reflns_obs                    98.5 
_refine.ls_R_factor_obs                          0.1860000 
_refine.ls_R_factor_all                          0.1860000 
_refine.ls_R_factor_R_work                       0.1860000 
_refine.ls_R_factor_R_free                       0.2100000 
_refine.ls_R_factor_R_free_error                 0.009 
_refine.ls_R_factor_R_free_error_details         ? 
_refine.ls_percent_reflns_R_free                 4.8 
_refine.ls_number_reflns_R_free                  495 
_refine.ls_number_parameters                     ? 
_refine.ls_number_restraints                     ? 
_refine.occupancy_min                            ? 
_refine.occupancy_max                            ? 
_refine.B_iso_mean                               26.9 
_refine.aniso_B[1][1]                            5.17 
_refine.aniso_B[2][2]                            -0.78 
_refine.aniso_B[3][3]                            -4.39 
_refine.aniso_B[1][2]                            0.00 
_refine.aniso_B[1][3]                            0.00 
_refine.aniso_B[2][3]                            0.00 
_refine.solvent_model_details                    'FLAT MODEL' 
_refine.solvent_model_param_ksol                 0.36815 
_refine.solvent_model_param_bsol                 41.2605 
_refine.pdbx_ls_cross_valid_method               THROUGHOUT 
_refine.details                                  ? 
_refine.pdbx_starting_model                      'PDB ENTRY 1hZ5' 
_refine.pdbx_method_to_determine_struct          'MOLECULAR REPLACEMENT' 
_refine.pdbx_isotropic_thermal_model             RESTRAINED 
_refine.pdbx_stereochemistry_target_values       'Maximum Likelihood' 
_refine.pdbx_stereochem_target_val_spec_case     ? 
_refine.pdbx_R_Free_selection_details            RANDOM 
_refine.pdbx_overall_ESU_R_Free                  ? 
_refine.overall_SU_B                             ? 
_refine.ls_redundancy_reflns_obs                 ? 
_refine.B_iso_min                                ? 
_refine.B_iso_max                                ? 
_refine.correlation_coeff_Fo_to_Fc               ? 
_refine.correlation_coeff_Fo_to_Fc_free          ? 
_refine.overall_SU_R_Cruickshank_DPI             ? 
_refine.overall_SU_R_free                        ? 
_refine.overall_SU_ML                            ? 
_refine.pdbx_overall_ESU_R                       ? 
_refine.pdbx_data_cutoff_high_rms_absF           ? 
_refine.pdbx_refine_id                           'X-RAY DIFFRACTION' 
_refine.pdbx_diffrn_id                           1 
_refine.pdbx_TLS_residual_ADP_flag               ? 
_refine.pdbx_solvent_vdw_probe_radii             ? 
_refine.pdbx_solvent_ion_probe_radii             ? 
_refine.pdbx_solvent_shrinkage_radii             ? 
_refine.pdbx_overall_phase_error                 ? 
_refine.pdbx_overall_SU_R_free_Cruickshank_DPI   ? 
_refine.pdbx_overall_SU_R_Blow_DPI               ? 
_refine.pdbx_overall_SU_R_free_Blow_DPI          ? 
# 
_refine_analyze.entry_id                        1K51 
_refine_analyze.Luzzati_coordinate_error_obs    0.19 
_refine_analyze.Luzzati_sigma_a_obs             0.07 
_refine_analyze.Luzzati_d_res_low_obs           5.00 
_refine_analyze.Luzzati_coordinate_error_free   0.21 
_refine_analyze.Luzzati_sigma_a_free            0.12 
_refine_analyze.Luzzati_d_res_low_free          ? 
_refine_analyze.number_disordered_residues      ? 
_refine_analyze.occupancy_sum_hydrogen          ? 
_refine_analyze.occupancy_sum_non_hydrogen      ? 
_refine_analyze.pdbx_Luzzati_d_res_high_obs     ? 
_refine_analyze.pdbx_refine_id                  'X-RAY DIFFRACTION' 
# 
_refine_hist.pdbx_refine_id                   'X-RAY DIFFRACTION' 
_refine_hist.cycle_id                         LAST 
_refine_hist.pdbx_number_atoms_protein        552 
_refine_hist.pdbx_number_atoms_nucleic_acid   0 
_refine_hist.pdbx_number_atoms_ligand         3 
_refine_hist.number_atoms_solvent             68 
_refine_hist.number_atoms_total               623 
_refine_hist.d_res_high                       1.80 
_refine_hist.d_res_low                        23.46 
# 
loop_
_refine_ls_restr.type 
_refine_ls_restr.dev_ideal 
_refine_ls_restr.dev_ideal_target 
_refine_ls_restr.weight 
_refine_ls_restr.number 
_refine_ls_restr.pdbx_refine_id 
_refine_ls_restr.pdbx_restraint_function 
c_bond_d                0.005 ?    ? ? 'X-RAY DIFFRACTION' ? 
c_bond_d_na             ?     ?    ? ? 'X-RAY DIFFRACTION' ? 
c_bond_d_prot           ?     ?    ? ? 'X-RAY DIFFRACTION' ? 
c_angle_d               ?     ?    ? ? 'X-RAY DIFFRACTION' ? 
c_angle_d_na            ?     ?    ? ? 'X-RAY DIFFRACTION' ? 
c_angle_d_prot          ?     ?    ? ? 'X-RAY DIFFRACTION' ? 
c_angle_deg             1.3   ?    ? ? 'X-RAY DIFFRACTION' ? 
c_angle_deg_na          ?     ?    ? ? 'X-RAY DIFFRACTION' ? 
c_angle_deg_prot        ?     ?    ? ? 'X-RAY DIFFRACTION' ? 
c_dihedral_angle_d      26.4  ?    ? ? 'X-RAY DIFFRACTION' ? 
c_dihedral_angle_d_na   ?     ?    ? ? 'X-RAY DIFFRACTION' ? 
c_dihedral_angle_d_prot ?     ?    ? ? 'X-RAY DIFFRACTION' ? 
c_improper_angle_d      0.57  ?    ? ? 'X-RAY DIFFRACTION' ? 
c_improper_angle_d_na   ?     ?    ? ? 'X-RAY DIFFRACTION' ? 
c_improper_angle_d_prot ?     ?    ? ? 'X-RAY DIFFRACTION' ? 
c_mcbond_it             1.15  1.50 ? ? 'X-RAY DIFFRACTION' ? 
c_mcangle_it            1.76  2.00 ? ? 'X-RAY DIFFRACTION' ? 
c_scbond_it             3.76  2.00 ? ? 'X-RAY DIFFRACTION' ? 
c_scangle_it            4.88  2.50 ? ? 'X-RAY DIFFRACTION' ? 
# 
_refine_ls_shell.pdbx_total_number_of_bins_used   6 
_refine_ls_shell.d_res_high                       1.80 
_refine_ls_shell.d_res_low                        1.91 
_refine_ls_shell.number_reflns_R_work             1572 
_refine_ls_shell.R_factor_R_work                  0.2120000 
_refine_ls_shell.percent_reflns_obs               97.0 
_refine_ls_shell.R_factor_R_free                  0.2290000 
_refine_ls_shell.R_factor_R_free_error            0.025 
_refine_ls_shell.percent_reflns_R_free            5.0 
_refine_ls_shell.number_reflns_R_free             83 
_refine_ls_shell.number_reflns_obs                1488 
_refine_ls_shell.redundancy_reflns_obs            ? 
_refine_ls_shell.number_reflns_all                ? 
_refine_ls_shell.pdbx_refine_id                   'X-RAY DIFFRACTION' 
_refine_ls_shell.R_factor_all                     ? 
# 
loop_
_pdbx_xplor_file.serial_no 
_pdbx_xplor_file.param_file 
_pdbx_xplor_file.topol_file 
_pdbx_xplor_file.pdbx_refine_id 
1 PROTEIN_REP.PARAM  PROTEIN.TOP 'X-RAY DIFFRACTION' 
2 WATER_REP.PARAM    ?           'X-RAY DIFFRACTION' 
3 CARBOHYDRATE.PARAM ?           'X-RAY DIFFRACTION' 
4 ION.PARAM          ?           'X-RAY DIFFRACTION' 
# 
_struct.entry_id                  1K51 
_struct.title                     
'A G55A Mutation Induces 3D Domain Swapping in the B1 Domain of Protein L from Peptostreptococcus magnus' 
_struct.pdbx_model_details        ? 
_struct.pdbx_CASP_flag            ? 
_struct.pdbx_model_type_details   ? 
# 
_struct_keywords.entry_id        1K51 
_struct_keywords.pdbx_keywords   'PROTEIN BINDING' 
_struct_keywords.text            
'Protein L B1 domain, strained beta-hairpin turn, positive phi angles, domain swapping, amyloid formation, PROTEIN BINDING' 
# 
loop_
_struct_asym.id 
_struct_asym.pdbx_blank_PDB_chainid_flag 
_struct_asym.pdbx_modified 
_struct_asym.entity_id 
_struct_asym.details 
A N N 1 ? 
B N N 2 ? 
C N N 2 ? 
D N N 2 ? 
E N N 3 ? 
# 
_struct_biol.id                    1 
_struct_biol.details               
;The second half of the 3D domain swapped dimer structure is generated by:   
-X,Y,1/2
;
_struct_biol.pdbx_parent_biol_id   ? 
# 
loop_
_struct_conf.conf_type_id 
_struct_conf.id 
_struct_conf.pdbx_PDB_helix_id 
_struct_conf.beg_label_comp_id 
_struct_conf.beg_label_asym_id 
_struct_conf.beg_label_seq_id 
_struct_conf.pdbx_beg_PDB_ins_code 
_struct_conf.end_label_comp_id 
_struct_conf.end_label_asym_id 
_struct_conf.end_label_seq_id 
_struct_conf.pdbx_end_PDB_ins_code 
_struct_conf.beg_auth_comp_id 
_struct_conf.beg_auth_asym_id 
_struct_conf.beg_auth_seq_id 
_struct_conf.end_auth_comp_id 
_struct_conf.end_auth_asym_id 
_struct_conf.end_auth_seq_id 
_struct_conf.pdbx_PDB_helix_class 
_struct_conf.details 
_struct_conf.pdbx_PDB_helix_length 
HELX_P HELX_P1 1 THR A 33 ? THR A 47 ? THR A 25 THR A 39 1 ? 15 
HELX_P HELX_P2 2 LEU A 48 ? GLY A 53 ? LEU A 40 GLY A 45 1 ? 6  
# 
_struct_conf_type.id          HELX_P 
_struct_conf_type.criteria    ? 
_struct_conf_type.reference   ? 
# 
loop_
_struct_conn.id 
_struct_conn.conn_type_id 
_struct_conn.pdbx_leaving_atom_flag 
_struct_conn.pdbx_PDB_id 
_struct_conn.ptnr1_label_asym_id 
_struct_conn.ptnr1_label_comp_id 
_struct_conn.ptnr1_label_seq_id 
_struct_conn.ptnr1_label_atom_id 
_struct_conn.pdbx_ptnr1_label_alt_id 
_struct_conn.pdbx_ptnr1_PDB_ins_code 
_struct_conn.pdbx_ptnr1_standard_comp_id 
_struct_conn.ptnr1_symmetry 
_struct_conn.ptnr2_label_asym_id 
_struct_conn.ptnr2_label_comp_id 
_struct_conn.ptnr2_label_seq_id 
_struct_conn.ptnr2_label_atom_id 
_struct_conn.pdbx_ptnr2_label_alt_id 
_struct_conn.pdbx_ptnr2_PDB_ins_code 
_struct_conn.ptnr1_auth_asym_id 
_struct_conn.ptnr1_auth_comp_id 
_struct_conn.ptnr1_auth_seq_id 
_struct_conn.ptnr2_auth_asym_id 
_struct_conn.ptnr2_auth_comp_id 
_struct_conn.ptnr2_auth_seq_id 
_struct_conn.ptnr2_symmetry 
_struct_conn.pdbx_ptnr3_label_atom_id 
_struct_conn.pdbx_ptnr3_label_seq_id 
_struct_conn.pdbx_ptnr3_label_comp_id 
_struct_conn.pdbx_ptnr3_label_asym_id 
_struct_conn.pdbx_ptnr3_label_alt_id 
_struct_conn.pdbx_ptnr3_PDB_ins_code 
_struct_conn.details 
_struct_conn.pdbx_dist_value 
_struct_conn.pdbx_value_order 
_struct_conn.pdbx_role 
metalc1  metalc ? ? A MET 1  O   ? ? ? 1_555 B ZN  . ZN ? ? A MET -7   A ZN  1001 1_555 ? ? ? ? ? ? ? 2.415 ? ? 
metalc2  metalc ? ? A MET 1  N   ? ? ? 1_555 B ZN  . ZN ? ? A MET -7   A ZN  1001 1_555 ? ? ? ? ? ? ? 2.259 ? ? 
metalc3  metalc ? ? A HIS 2  NE2 ? ? ? 1_555 C ZN  . ZN ? ? A HIS -6   A ZN  1002 1_555 ? ? ? ? ? ? ? 2.108 ? ? 
metalc4  metalc ? ? A HIS 3  NE2 ? ? ? 3_555 B ZN  . ZN ? ? A HIS -5   A ZN  1001 1_555 ? ? ? ? ? ? ? 2.088 ? ? 
metalc5  metalc ? ? A HIS 4  NE2 ? ? ? 1_555 D ZN  . ZN ? ? A HIS -4   A ZN  1003 1_555 ? ? ? ? ? ? ? 2.119 ? ? 
metalc6  metalc ? ? A HIS 5  ND1 ? ? ? 3_555 B ZN  . ZN ? ? A HIS -3   A ZN  1001 1_555 ? ? ? ? ? ? ? 2.077 ? ? 
metalc7  metalc ? ? A HIS 6  ND1 ? ? ? 1_555 D ZN  . ZN ? ? A HIS -2   A ZN  1003 1_555 ? ? ? ? ? ? ? 2.115 ? ? 
metalc8  metalc ? ? A HIS 7  NE2 ? ? ? 3_555 C ZN  . ZN ? ? A HIS -1   A ZN  1002 1_555 ? ? ? ? ? ? ? 2.076 ? ? 
metalc9  metalc ? ? A GLU 10 OE2 ? ? ? 1_555 D ZN  . ZN ? ? A GLU 2    A ZN  1003 1_555 ? ? ? ? ? ? ? 2.004 ? ? 
metalc10 metalc ? ? A GLU 35 OE2 ? ? ? 1_555 D ZN  . ZN ? ? A GLU 27   A ZN  1003 1_555 ? ? ? ? ? ? ? 2.657 ? ? 
metalc11 metalc ? ? A GLU 35 OE1 ? ? ? 1_555 D ZN  . ZN ? ? A GLU 27   A ZN  1003 1_555 ? ? ? ? ? ? ? 2.177 ? ? 
metalc12 metalc ? ? A ASP 58 OD1 ? ? ? 1_555 C ZN  . ZN ? ? A ASP 50   A ZN  1002 1_555 ? ? ? ? ? ? ? 2.027 ? ? 
metalc13 metalc ? ? A GLY 72 OXT ? ? ? 6_554 B ZN  . ZN ? ? A GLY 64   A ZN  1001 1_555 ? ? ? ? ? ? ? 2.158 ? ? 
metalc14 metalc ? ? C ZN  .  ZN  ? ? ? 1_555 E HOH . O  ? ? A ZN  1002 A HOH 2056 1_555 ? ? ? ? ? ? ? 2.150 ? ? 
# 
_struct_conn_type.id          metalc 
_struct_conn_type.criteria    ? 
_struct_conn_type.reference   ? 
# 
_struct_sheet.id               A 
_struct_sheet.type             ? 
_struct_sheet.number_strands   2 
_struct_sheet.details          ? 
# 
_struct_sheet_order.sheet_id     A 
_struct_sheet_order.range_id_1   1 
_struct_sheet_order.range_id_2   2 
_struct_sheet_order.offset       ? 
_struct_sheet_order.sense        anti-parallel 
# 
loop_
_struct_sheet_range.sheet_id 
_struct_sheet_range.id 
_struct_sheet_range.beg_label_comp_id 
_struct_sheet_range.beg_label_asym_id 
_struct_sheet_range.beg_label_seq_id 
_struct_sheet_range.pdbx_beg_PDB_ins_code 
_struct_sheet_range.end_label_comp_id 
_struct_sheet_range.end_label_asym_id 
_struct_sheet_range.end_label_seq_id 
_struct_sheet_range.pdbx_end_PDB_ins_code 
_struct_sheet_range.beg_auth_comp_id 
_struct_sheet_range.beg_auth_asym_id 
_struct_sheet_range.beg_auth_seq_id 
_struct_sheet_range.end_auth_comp_id 
_struct_sheet_range.end_auth_asym_id 
_struct_sheet_range.end_auth_seq_id 
A 1 VAL A 12 ? ILE A 19 ? VAL A 4  ILE A 11 
A 2 THR A 25 ? GLY A 32 ? THR A 17 GLY A 24 
# 
_pdbx_struct_sheet_hbond.sheet_id                A 
_pdbx_struct_sheet_hbond.range_id_1              1 
_pdbx_struct_sheet_hbond.range_id_2              2 
_pdbx_struct_sheet_hbond.range_1_label_atom_id   N 
_pdbx_struct_sheet_hbond.range_1_label_comp_id   LEU 
_pdbx_struct_sheet_hbond.range_1_label_asym_id   A 
_pdbx_struct_sheet_hbond.range_1_label_seq_id    18 
_pdbx_struct_sheet_hbond.range_1_PDB_ins_code    ? 
_pdbx_struct_sheet_hbond.range_1_auth_atom_id    N 
_pdbx_struct_sheet_hbond.range_1_auth_comp_id    LEU 
_pdbx_struct_sheet_hbond.range_1_auth_asym_id    A 
_pdbx_struct_sheet_hbond.range_1_auth_seq_id     10 
_pdbx_struct_sheet_hbond.range_2_label_atom_id   O 
_pdbx_struct_sheet_hbond.range_2_label_comp_id   GLN 
_pdbx_struct_sheet_hbond.range_2_label_asym_id   A 
_pdbx_struct_sheet_hbond.range_2_label_seq_id    26 
_pdbx_struct_sheet_hbond.range_2_PDB_ins_code    ? 
_pdbx_struct_sheet_hbond.range_2_auth_atom_id    O 
_pdbx_struct_sheet_hbond.range_2_auth_comp_id    GLN 
_pdbx_struct_sheet_hbond.range_2_auth_asym_id    A 
_pdbx_struct_sheet_hbond.range_2_auth_seq_id     18 
# 
loop_
_struct_site.id 
_struct_site.pdbx_evidence_code 
_struct_site.pdbx_auth_asym_id 
_struct_site.pdbx_auth_comp_id 
_struct_site.pdbx_auth_seq_id 
_struct_site.pdbx_auth_ins_code 
_struct_site.pdbx_num_residues 
_struct_site.details 
AC1 Software A ZN 1001 ? 4 'BINDING SITE FOR RESIDUE ZN A 1001' 
AC2 Software A ZN 1002 ? 5 'BINDING SITE FOR RESIDUE ZN A 1002' 
AC3 Software A ZN 1003 ? 4 'BINDING SITE FOR RESIDUE ZN A 1003' 
# 
loop_
_struct_site_gen.id 
_struct_site_gen.site_id 
_struct_site_gen.pdbx_num_res 
_struct_site_gen.label_comp_id 
_struct_site_gen.label_asym_id 
_struct_site_gen.label_seq_id 
_struct_site_gen.pdbx_auth_ins_code 
_struct_site_gen.auth_comp_id 
_struct_site_gen.auth_asym_id 
_struct_site_gen.auth_seq_id 
_struct_site_gen.label_atom_id 
_struct_site_gen.label_alt_id 
_struct_site_gen.symmetry 
_struct_site_gen.details 
1  AC1 4 MET A 1  ? MET A -7   . ? 1_555 ? 
2  AC1 4 HIS A 5  ? HIS A -3   . ? 3_555 ? 
3  AC1 4 HIS A 3  ? HIS A -5   . ? 3_555 ? 
4  AC1 4 GLY A 72 ? GLY A 64   . ? 6_554 ? 
5  AC2 5 HIS A 2  ? HIS A -6   . ? 1_555 ? 
6  AC2 5 HIS A 7  ? HIS A -1   . ? 3_555 ? 
7  AC2 5 ASP A 58 ? ASP A 50   . ? 1_555 ? 
8  AC2 5 VAL A 59 ? VAL A 51   . ? 1_555 ? 
9  AC2 5 HOH E .  ? HOH A 2056 . ? 1_555 ? 
10 AC3 4 HIS A 4  ? HIS A -4   . ? 1_555 ? 
11 AC3 4 HIS A 6  ? HIS A -2   . ? 1_555 ? 
12 AC3 4 GLU A 10 ? GLU A 2    . ? 1_555 ? 
13 AC3 4 GLU A 35 ? GLU A 27   . ? 1_555 ? 
# 
_atom_sites.entry_id                    1K51 
_atom_sites.fract_transf_matrix[1][1]   -0.00267673 
_atom_sites.fract_transf_matrix[1][2]   0.00957357 
_atom_sites.fract_transf_matrix[1][3]   0.01830494 
_atom_sites.fract_transf_matrix[2][1]   0.00972262 
_atom_sites.fract_transf_matrix[2][2]   0.00856225 
_atom_sites.fract_transf_matrix[2][3]   -0.00305636 
_atom_sites.fract_transf_matrix[3][1]   -0.01116280 
_atom_sites.fract_transf_matrix[3][2]   0.01019046 
_atom_sites.fract_transf_matrix[3][3]   -0.00696200 
_atom_sites.fract_transf_vector[1]      -0.181006 
_atom_sites.fract_transf_vector[2]      0.359458 
_atom_sites.fract_transf_vector[3]      0.187588 
# 
loop_
_atom_type.symbol 
C  
N  
O  
S  
ZN 
# 
loop_
_atom_site.group_PDB 
_atom_site.id 
_atom_site.type_symbol 
_atom_site.label_atom_id 
_atom_site.label_alt_id 
_atom_site.label_comp_id 
_atom_site.label_asym_id 
_atom_site.label_entity_id 
_atom_site.label_seq_id 
_atom_site.pdbx_PDB_ins_code 
_atom_site.Cartn_x 
_atom_site.Cartn_y 
_atom_site.Cartn_z 
_atom_site.occupancy 
_atom_site.B_iso_or_equiv 
_atom_site.pdbx_formal_charge 
_atom_site.auth_seq_id 
_atom_site.auth_comp_id 
_atom_site.auth_asym_id 
_atom_site.auth_atom_id 
_atom_site.pdbx_PDB_model_num 
ATOM   1   N  N   . MET A 1 1  ? -9.989  -5.967  11.801  1.00 25.25 ? -7   MET A N   1 
ATOM   2   C  CA  . MET A 1 1  ? -9.626  -6.282  10.390  1.00 25.70 ? -7   MET A CA  1 
ATOM   3   C  C   . MET A 1 1  ? -8.963  -5.090  9.711   1.00 23.39 ? -7   MET A C   1 
ATOM   4   O  O   . MET A 1 1  ? -8.973  -3.974  10.235  1.00 20.53 ? -7   MET A O   1 
ATOM   5   C  CB  . MET A 1 1  ? -10.879 -6.656  9.596   1.00 31.38 ? -7   MET A CB  1 
ATOM   6   C  CG  . MET A 1 1  ? -11.920 -5.541  9.557   1.00 38.70 ? -7   MET A CG  1 
ATOM   7   S  SD  . MET A 1 1  ? -13.228 -5.816  8.339   1.00 50.74 ? -7   MET A SD  1 
ATOM   8   C  CE  . MET A 1 1  ? -14.029 -7.269  9.031   1.00 47.60 ? -7   MET A CE  1 
ATOM   9   N  N   . HIS A 1 2  ? -8.374  -5.334  8.545   1.00 22.36 ? -6   HIS A N   1 
ATOM   10  C  CA  . HIS A 1 2  ? -7.743  -4.266  7.783   1.00 20.94 ? -6   HIS A CA  1 
ATOM   11  C  C   . HIS A 1 2  ? -8.746  -3.911  6.705   1.00 21.94 ? -6   HIS A C   1 
ATOM   12  O  O   . HIS A 1 2  ? -9.021  -4.713  5.809   1.00 24.38 ? -6   HIS A O   1 
ATOM   13  C  CB  . HIS A 1 2  ? -6.443  -4.739  7.143   1.00 20.98 ? -6   HIS A CB  1 
ATOM   14  C  CG  . HIS A 1 2  ? -5.405  -5.153  8.134   1.00 20.35 ? -6   HIS A CG  1 
ATOM   15  N  ND1 . HIS A 1 2  ? -5.558  -6.253  8.950   1.00 21.24 ? -6   HIS A ND1 1 
ATOM   16  C  CD2 . HIS A 1 2  ? -4.206  -4.612  8.447   1.00 20.07 ? -6   HIS A CD2 1 
ATOM   17  C  CE1 . HIS A 1 2  ? -4.493  -6.373  9.722   1.00 22.08 ? -6   HIS A CE1 1 
ATOM   18  N  NE2 . HIS A 1 2  ? -3.659  -5.390  9.437   1.00 20.41 ? -6   HIS A NE2 1 
ATOM   19  N  N   . HIS A 1 3  ? -9.297  -2.712  6.804   1.00 20.07 ? -5   HIS A N   1 
ATOM   20  C  CA  . HIS A 1 3  ? -10.305 -2.259  5.866   1.00 20.75 ? -5   HIS A CA  1 
ATOM   21  C  C   . HIS A 1 3  ? -10.039 -0.858  5.361   1.00 20.12 ? -5   HIS A C   1 
ATOM   22  O  O   . HIS A 1 3  ? -9.822  0.062   6.147   1.00 20.38 ? -5   HIS A O   1 
ATOM   23  C  CB  . HIS A 1 3  ? -11.675 -2.284  6.541   1.00 19.58 ? -5   HIS A CB  1 
ATOM   24  C  CG  . HIS A 1 3  ? -12.761 -1.641  5.736   1.00 21.26 ? -5   HIS A CG  1 
ATOM   25  N  ND1 . HIS A 1 3  ? -13.244 -2.188  4.566   1.00 21.37 ? -5   HIS A ND1 1 
ATOM   26  C  CD2 . HIS A 1 3  ? -13.457 -0.498  5.932   1.00 19.16 ? -5   HIS A CD2 1 
ATOM   27  C  CE1 . HIS A 1 3  ? -14.194 -1.411  4.078   1.00 21.07 ? -5   HIS A CE1 1 
ATOM   28  N  NE2 . HIS A 1 3  ? -14.343 -0.378  4.889   1.00 22.16 ? -5   HIS A NE2 1 
ATOM   29  N  N   . HIS A 1 4  ? -10.040 -0.705  4.044   1.00 18.82 ? -4   HIS A N   1 
ATOM   30  C  CA  . HIS A 1 4  ? -9.868  0.609   3.447   1.00 18.97 ? -4   HIS A CA  1 
ATOM   31  C  C   . HIS A 1 4  ? -11.271 1.081   3.099   1.00 19.08 ? -4   HIS A C   1 
ATOM   32  O  O   . HIS A 1 4  ? -12.007 0.377   2.403   1.00 19.69 ? -4   HIS A O   1 
ATOM   33  C  CB  . HIS A 1 4  ? -9.043  0.538   2.163   1.00 18.30 ? -4   HIS A CB  1 
ATOM   34  C  CG  . HIS A 1 4  ? -9.299  1.676   1.224   1.00 16.56 ? -4   HIS A CG  1 
ATOM   35  N  ND1 . HIS A 1 4  ? -8.951  2.978   1.515   1.00 16.93 ? -4   HIS A ND1 1 
ATOM   36  C  CD2 . HIS A 1 4  ? -9.905  1.714   0.013   1.00 17.62 ? -4   HIS A CD2 1 
ATOM   37  C  CE1 . HIS A 1 4  ? -9.333  3.768   0.528   1.00 16.05 ? -4   HIS A CE1 1 
ATOM   38  N  NE2 . HIS A 1 4  ? -9.916  3.026   -0.395  1.00 17.76 ? -4   HIS A NE2 1 
ATOM   39  N  N   . HIS A 1 5  ? -11.653 2.253   3.595   1.00 18.95 ? -3   HIS A N   1 
ATOM   40  C  CA  . HIS A 1 5  ? -12.966 2.802   3.284   1.00 18.32 ? -3   HIS A CA  1 
ATOM   41  C  C   . HIS A 1 5  ? -12.771 3.834   2.177   1.00 18.66 ? -3   HIS A C   1 
ATOM   42  O  O   . HIS A 1 5  ? -12.217 4.906   2.405   1.00 18.09 ? -3   HIS A O   1 
ATOM   43  C  CB  . HIS A 1 5  ? -13.597 3.466   4.509   1.00 19.15 ? -3   HIS A CB  1 
ATOM   44  C  CG  . HIS A 1 5  ? -15.032 3.842   4.304   1.00 18.58 ? -3   HIS A CG  1 
ATOM   45  N  ND1 . HIS A 1 5  ? -16.063 2.937   4.439   1.00 19.02 ? -3   HIS A ND1 1 
ATOM   46  C  CD2 . HIS A 1 5  ? -15.602 5.003   3.907   1.00 19.38 ? -3   HIS A CD2 1 
ATOM   47  C  CE1 . HIS A 1 5  ? -17.206 3.525   4.133   1.00 17.93 ? -3   HIS A CE1 1 
ATOM   48  N  NE2 . HIS A 1 5  ? -16.954 4.779   3.806   1.00 18.24 ? -3   HIS A NE2 1 
ATOM   49  N  N   . HIS A 1 6  ? -13.231 3.492   0.979   1.00 18.66 ? -2   HIS A N   1 
ATOM   50  C  CA  . HIS A 1 6  ? -13.093 4.344   -0.199  1.00 18.67 ? -2   HIS A CA  1 
ATOM   51  C  C   . HIS A 1 6  ? -13.824 5.685   -0.136  1.00 18.56 ? -2   HIS A C   1 
ATOM   52  O  O   . HIS A 1 6  ? -14.904 5.797   0.438   1.00 18.60 ? -2   HIS A O   1 
ATOM   53  C  CB  . HIS A 1 6  ? -13.581 3.574   -1.438  1.00 17.83 ? -2   HIS A CB  1 
ATOM   54  C  CG  . HIS A 1 6  ? -13.314 4.272   -2.737  1.00 20.49 ? -2   HIS A CG  1 
ATOM   55  N  ND1 . HIS A 1 6  ? -12.048 4.408   -3.261  1.00 20.50 ? -2   HIS A ND1 1 
ATOM   56  C  CD2 . HIS A 1 6  ? -14.150 4.867   -3.621  1.00 21.17 ? -2   HIS A CD2 1 
ATOM   57  C  CE1 . HIS A 1 6  ? -12.113 5.054   -4.411  1.00 23.86 ? -2   HIS A CE1 1 
ATOM   58  N  NE2 . HIS A 1 6  ? -13.379 5.345   -4.654  1.00 21.60 ? -2   HIS A NE2 1 
ATOM   59  N  N   . HIS A 1 7  ? -13.209 6.703   -0.729  1.00 18.85 ? -1   HIS A N   1 
ATOM   60  C  CA  . HIS A 1 7  ? -13.806 8.031   -0.826  1.00 21.12 ? -1   HIS A CA  1 
ATOM   61  C  C   . HIS A 1 7  ? -13.580 8.465   -2.263  1.00 22.85 ? -1   HIS A C   1 
ATOM   62  O  O   . HIS A 1 7  ? -12.573 8.109   -2.869  1.00 22.65 ? -1   HIS A O   1 
ATOM   63  C  CB  . HIS A 1 7  ? -13.136 9.039   0.109   1.00 19.55 ? -1   HIS A CB  1 
ATOM   64  C  CG  . HIS A 1 7  ? -13.416 8.798   1.557   1.00 19.69 ? -1   HIS A CG  1 
ATOM   65  N  ND1 . HIS A 1 7  ? -12.655 7.951   2.329   1.00 19.31 ? -1   HIS A ND1 1 
ATOM   66  C  CD2 . HIS A 1 7  ? -14.410 9.250   2.357   1.00 21.00 ? -1   HIS A CD2 1 
ATOM   67  C  CE1 . HIS A 1 7  ? -13.167 7.887   3.545   1.00 20.00 ? -1   HIS A CE1 1 
ATOM   68  N  NE2 . HIS A 1 7  ? -14.234 8.665   3.587   1.00 20.58 ? -1   HIS A NE2 1 
ATOM   69  N  N   . ALA A 1 8  ? -14.518 9.227   -2.812  1.00 25.30 ? 0    ALA A N   1 
ATOM   70  C  CA  . ALA A 1 8  ? -14.389 9.700   -4.184  1.00 26.98 ? 0    ALA A CA  1 
ATOM   71  C  C   . ALA A 1 8  ? -13.208 10.663  -4.303  1.00 27.00 ? 0    ALA A C   1 
ATOM   72  O  O   . ALA A 1 8  ? -12.958 11.462  -3.402  1.00 26.57 ? 0    ALA A O   1 
ATOM   73  C  CB  . ALA A 1 8  ? -15.676 10.394  -4.614  1.00 28.25 ? 0    ALA A CB  1 
ATOM   74  N  N   . MET A 1 9  ? -12.479 10.566  -5.413  1.00 27.90 ? 1    MET A N   1 
ATOM   75  C  CA  . MET A 1 9  ? -11.331 11.432  -5.685  1.00 28.43 ? 1    MET A CA  1 
ATOM   76  C  C   . MET A 1 9  ? -10.181 11.319  -4.684  1.00 28.46 ? 1    MET A C   1 
ATOM   77  O  O   . MET A 1 9  ? -9.397  12.257  -4.522  1.00 28.90 ? 1    MET A O   1 
ATOM   78  C  CB  . MET A 1 9  ? -11.788 12.892  -5.758  1.00 31.80 ? 1    MET A CB  1 
ATOM   79  N  N   . GLU A 1 10 ? -10.064 10.176  -4.021  1.00 25.50 ? 2    GLU A N   1 
ATOM   80  C  CA  . GLU A 1 10 ? -8.998  9.999   -3.046  1.00 24.00 ? 2    GLU A CA  1 
ATOM   81  C  C   . GLU A 1 10 ? -7.643  9.889   -3.741  1.00 22.85 ? 2    GLU A C   1 
ATOM   82  O  O   . GLU A 1 10 ? -7.546  9.411   -4.873  1.00 23.25 ? 2    GLU A O   1 
ATOM   83  C  CB  . GLU A 1 10 ? -9.244  8.736   -2.211  1.00 22.89 ? 2    GLU A CB  1 
ATOM   84  C  CG  . GLU A 1 10 ? -8.963  7.469   -2.974  1.00 22.63 ? 2    GLU A CG  1 
ATOM   85  C  CD  . GLU A 1 10 ? -9.396  6.207   -2.253  1.00 22.15 ? 2    GLU A CD  1 
ATOM   86  O  OE1 . GLU A 1 10 ? -10.126 6.285   -1.239  1.00 18.67 ? 2    GLU A OE1 1 
ATOM   87  O  OE2 . GLU A 1 10 ? -9.004  5.126   -2.727  1.00 22.32 ? 2    GLU A OE2 1 
ATOM   88  N  N   . GLU A 1 11 ? -6.606  10.346  -3.054  1.00 21.94 ? 3    GLU A N   1 
ATOM   89  C  CA  . GLU A 1 11 ? -5.240  10.277  -3.563  1.00 23.36 ? 3    GLU A CA  1 
ATOM   90  C  C   . GLU A 1 11 ? -4.437  9.715   -2.400  1.00 22.72 ? 3    GLU A C   1 
ATOM   91  O  O   . GLU A 1 11 ? -4.212  10.399  -1.403  1.00 23.82 ? 3    GLU A O   1 
ATOM   92  C  CB  . GLU A 1 11 ? -4.735  11.668  -3.944  1.00 25.48 ? 3    GLU A CB  1 
ATOM   93  N  N   . VAL A 1 12 ? -4.023  8.459   -2.530  1.00 21.57 ? 4    VAL A N   1 
ATOM   94  C  CA  . VAL A 1 12 ? -3.279  7.783   -1.478  1.00 22.49 ? 4    VAL A CA  1 
ATOM   95  C  C   . VAL A 1 12 ? -1.854  7.430   -1.897  1.00 22.76 ? 4    VAL A C   1 
ATOM   96  O  O   . VAL A 1 12 ? -1.611  7.039   -3.038  1.00 24.15 ? 4    VAL A O   1 
ATOM   97  C  CB  . VAL A 1 12 ? -4.021  6.488   -1.051  1.00 23.24 ? 4    VAL A CB  1 
ATOM   98  C  CG1 . VAL A 1 12 ? -3.222  5.735   -0.003  1.00 25.65 ? 4    VAL A CG1 1 
ATOM   99  C  CG2 . VAL A 1 12 ? -5.406  6.841   -0.512  1.00 24.76 ? 4    VAL A CG2 1 
ATOM   100 N  N   . THR A 1 13 ? -0.921  7.575   -0.964  1.00 22.22 ? 5    THR A N   1 
ATOM   101 C  CA  . THR A 1 13 ? 0.477   7.252   -1.212  1.00 22.85 ? 5    THR A CA  1 
ATOM   102 C  C   . THR A 1 13 ? 0.813   5.949   -0.487  1.00 23.12 ? 5    THR A C   1 
ATOM   103 O  O   . THR A 1 13 ? 0.575   5.812   0.714   1.00 22.84 ? 5    THR A O   1 
ATOM   104 C  CB  . THR A 1 13 ? 1.401   8.367   -0.704  1.00 25.40 ? 5    THR A CB  1 
ATOM   105 O  OG1 . THR A 1 13 ? 1.164   9.558   -1.463  1.00 25.53 ? 5    THR A OG1 1 
ATOM   106 C  CG2 . THR A 1 13 ? 2.859   7.960   -0.849  1.00 26.38 ? 5    THR A CG2 1 
ATOM   107 N  N   . ILE A 1 14 ? 1.363   5.000   -1.233  1.00 22.93 ? 6    ILE A N   1 
ATOM   108 C  CA  . ILE A 1 14 ? 1.722   3.696   -0.694  1.00 23.13 ? 6    ILE A CA  1 
ATOM   109 C  C   . ILE A 1 14 ? 3.234   3.513   -0.677  1.00 23.11 ? 6    ILE A C   1 
ATOM   110 O  O   . ILE A 1 14 ? 3.890   3.620   -1.713  1.00 23.53 ? 6    ILE A O   1 
ATOM   111 C  CB  . ILE A 1 14 ? 1.110   2.558   -1.552  1.00 25.19 ? 6    ILE A CB  1 
ATOM   112 C  CG1 . ILE A 1 14 ? -0.422  2.654   -1.548  1.00 27.05 ? 6    ILE A CG1 1 
ATOM   113 C  CG2 . ILE A 1 14 ? 1.588   1.198   -1.048  1.00 24.79 ? 6    ILE A CG2 1 
ATOM   114 C  CD1 . ILE A 1 14 ? -1.055  2.569   -0.184  1.00 27.54 ? 6    ILE A CD1 1 
ATOM   115 N  N   . LYS A 1 15 ? 3.784   3.257   0.503   1.00 21.77 ? 7    LYS A N   1 
ATOM   116 C  CA  . LYS A 1 15 ? 5.216   3.021   0.639   1.00 23.49 ? 7    LYS A CA  1 
ATOM   117 C  C   . LYS A 1 15 ? 5.356   1.521   0.834   1.00 23.08 ? 7    LYS A C   1 
ATOM   118 O  O   . LYS A 1 15 ? 4.909   0.981   1.844   1.00 23.67 ? 7    LYS A O   1 
ATOM   119 C  CB  . LYS A 1 15 ? 5.775   3.758   1.858   1.00 26.66 ? 7    LYS A CB  1 
ATOM   120 C  CG  . LYS A 1 15 ? 7.238   3.445   2.162   1.00 32.24 ? 7    LYS A CG  1 
ATOM   121 C  CD  . LYS A 1 15 ? 8.153   3.835   1.011   1.00 35.49 ? 7    LYS A CD  1 
ATOM   122 N  N   . ALA A 1 16 ? 5.957   0.844   -0.136  1.00 21.85 ? 8    ALA A N   1 
ATOM   123 C  CA  . ALA A 1 16 ? 6.123   -0.597  -0.037  1.00 20.03 ? 8    ALA A CA  1 
ATOM   124 C  C   . ALA A 1 16 ? 7.533   -0.978  0.386   1.00 21.81 ? 8    ALA A C   1 
ATOM   125 O  O   . ALA A 1 16 ? 8.514   -0.537  -0.212  1.00 22.65 ? 8    ALA A O   1 
ATOM   126 C  CB  . ALA A 1 16 ? 5.784   -1.258  -1.367  1.00 20.97 ? 8    ALA A CB  1 
ATOM   127 N  N   . ASN A 1 17 ? 7.618   -1.779  1.442   1.00 19.13 ? 9    ASN A N   1 
ATOM   128 C  CA  . ASN A 1 17 ? 8.896   -2.272  1.937   1.00 20.43 ? 9    ASN A CA  1 
ATOM   129 C  C   . ASN A 1 17 ? 8.910   -3.755  1.604   1.00 20.83 ? 9    ASN A C   1 
ATOM   130 O  O   . ASN A 1 17 ? 8.113   -4.516  2.151   1.00 21.05 ? 9    ASN A O   1 
ATOM   131 C  CB  . ASN A 1 17 ? 9.011   -2.114  3.456   1.00 23.55 ? 9    ASN A CB  1 
ATOM   132 C  CG  . ASN A 1 17 ? 9.126   -0.671  3.893   1.00 27.90 ? 9    ASN A CG  1 
ATOM   133 O  OD1 . ASN A 1 17 ? 9.956   0.084   3.382   1.00 29.29 ? 9    ASN A OD1 1 
ATOM   134 N  ND2 . ASN A 1 17 ? 8.303   -0.282  4.858   1.00 31.31 ? 9    ASN A ND2 1 
ATOM   135 N  N   . LEU A 1 18 ? 9.791   -4.161  0.695   1.00 19.71 ? 10   LEU A N   1 
ATOM   136 C  CA  . LEU A 1 18 ? 9.896   -5.568  0.324   1.00 21.15 ? 10   LEU A CA  1 
ATOM   137 C  C   . LEU A 1 18 ? 11.061  -6.169  1.093   1.00 22.12 ? 10   LEU A C   1 
ATOM   138 O  O   . LEU A 1 18 ? 12.202  -5.718  0.972   1.00 22.05 ? 10   LEU A O   1 
ATOM   139 C  CB  . LEU A 1 18 ? 10.123  -5.728  -1.182  1.00 22.51 ? 10   LEU A CB  1 
ATOM   140 C  CG  . LEU A 1 18 ? 8.966   -5.318  -2.092  1.00 26.92 ? 10   LEU A CG  1 
ATOM   141 C  CD1 . LEU A 1 18 ? 8.871   -3.805  -2.151  1.00 29.76 ? 10   LEU A CD1 1 
ATOM   142 C  CD2 . LEU A 1 18 ? 9.193   -5.882  -3.480  1.00 30.14 ? 10   LEU A CD2 1 
ATOM   143 N  N   . ILE A 1 19 ? 10.760  -7.189  1.888   1.00 20.59 ? 11   ILE A N   1 
ATOM   144 C  CA  . ILE A 1 19 ? 11.756  -7.847  2.718   1.00 21.32 ? 11   ILE A CA  1 
ATOM   145 C  C   . ILE A 1 19 ? 12.005  -9.251  2.190   1.00 21.42 ? 11   ILE A C   1 
ATOM   146 O  O   . ILE A 1 19 ? 11.095  -10.072 2.159   1.00 18.93 ? 11   ILE A O   1 
ATOM   147 C  CB  . ILE A 1 19 ? 11.257  -7.942  4.163   1.00 24.02 ? 11   ILE A CB  1 
ATOM   148 C  CG1 . ILE A 1 19 ? 10.808  -6.556  4.641   1.00 27.26 ? 11   ILE A CG1 1 
ATOM   149 C  CG2 . ILE A 1 19 ? 12.352  -8.511  5.053   1.00 25.74 ? 11   ILE A CG2 1 
ATOM   150 C  CD1 . ILE A 1 19 ? 10.067  -6.568  5.963   1.00 31.23 ? 11   ILE A CD1 1 
ATOM   151 N  N   . PHE A 1 20 ? 13.236  -9.529  1.781   1.00 22.11 ? 12   PHE A N   1 
ATOM   152 C  CA  . PHE A 1 20 ? 13.555  -10.844 1.242   1.00 23.50 ? 12   PHE A CA  1 
ATOM   153 C  C   . PHE A 1 20 ? 14.053  -11.810 2.308   1.00 24.61 ? 12   PHE A C   1 
ATOM   154 O  O   . PHE A 1 20 ? 14.438  -11.402 3.404   1.00 24.45 ? 12   PHE A O   1 
ATOM   155 C  CB  . PHE A 1 20 ? 14.565  -10.694 0.106   1.00 22.65 ? 12   PHE A CB  1 
ATOM   156 C  CG  . PHE A 1 20 ? 14.076  -9.813  -1.005  1.00 23.30 ? 12   PHE A CG  1 
ATOM   157 C  CD1 . PHE A 1 20 ? 13.018  -10.216 -1.813  1.00 23.79 ? 12   PHE A CD1 1 
ATOM   158 C  CD2 . PHE A 1 20 ? 14.636  -8.559  -1.215  1.00 25.79 ? 12   PHE A CD2 1 
ATOM   159 C  CE1 . PHE A 1 20 ? 12.523  -9.380  -2.813  1.00 24.13 ? 12   PHE A CE1 1 
ATOM   160 C  CE2 . PHE A 1 20 ? 14.147  -7.715  -2.213  1.00 26.62 ? 12   PHE A CE2 1 
ATOM   161 C  CZ  . PHE A 1 20 ? 13.091  -8.127  -3.010  1.00 25.23 ? 12   PHE A CZ  1 
ATOM   162 N  N   . ALA A 1 21 ? 14.023  -13.098 1.979   1.00 25.63 ? 13   ALA A N   1 
ATOM   163 C  CA  . ALA A 1 21 ? 14.433  -14.143 2.906   1.00 28.26 ? 13   ALA A CA  1 
ATOM   164 C  C   . ALA A 1 21 ? 15.837  -13.970 3.485   1.00 30.35 ? 13   ALA A C   1 
ATOM   165 O  O   . ALA A 1 21 ? 16.069  -14.300 4.648   1.00 31.81 ? 13   ALA A O   1 
ATOM   166 C  CB  . ALA A 1 21 ? 14.313  -15.507 2.228   1.00 27.07 ? 13   ALA A CB  1 
ATOM   167 N  N   . ASN A 1 22 ? 16.766  -13.450 2.688   1.00 31.86 ? 14   ASN A N   1 
ATOM   168 C  CA  . ASN A 1 22 ? 18.137  -13.270 3.159   1.00 34.29 ? 14   ASN A CA  1 
ATOM   169 C  C   . ASN A 1 22 ? 18.372  -12.000 3.971   1.00 34.70 ? 14   ASN A C   1 
ATOM   170 O  O   . ASN A 1 22 ? 19.512  -11.680 4.309   1.00 36.10 ? 14   ASN A O   1 
ATOM   171 C  CB  . ASN A 1 22 ? 19.118  -13.316 1.983   1.00 35.66 ? 14   ASN A CB  1 
ATOM   172 C  CG  . ASN A 1 22 ? 18.953  -12.147 1.033   1.00 38.40 ? 14   ASN A CG  1 
ATOM   173 O  OD1 . ASN A 1 22 ? 19.702  -12.016 0.067   1.00 42.73 ? 14   ASN A OD1 1 
ATOM   174 N  ND2 . ASN A 1 22 ? 17.972  -11.294 1.300   1.00 38.86 ? 14   ASN A ND2 1 
ATOM   175 N  N   . GLY A 1 23 ? 17.301  -11.277 4.283   1.00 33.24 ? 15   GLY A N   1 
ATOM   176 C  CA  . GLY A 1 23 ? 17.441  -10.065 5.071   1.00 32.08 ? 15   GLY A CA  1 
ATOM   177 C  C   . GLY A 1 23 ? 17.535  -8.772  4.283   1.00 30.02 ? 15   GLY A C   1 
ATOM   178 O  O   . GLY A 1 23 ? 17.320  -7.693  4.842   1.00 30.66 ? 15   GLY A O   1 
ATOM   179 N  N   . SER A 1 24 ? 17.854  -8.863  2.994   1.00 27.90 ? 16   SER A N   1 
ATOM   180 C  CA  . SER A 1 24 ? 17.964  -7.668  2.162   1.00 27.26 ? 16   SER A CA  1 
ATOM   181 C  C   . SER A 1 24 ? 16.579  -7.071  1.937   1.00 26.15 ? 16   SER A C   1 
ATOM   182 O  O   . SER A 1 24 ? 15.569  -7.762  2.076   1.00 24.92 ? 16   SER A O   1 
ATOM   183 C  CB  . SER A 1 24 ? 18.606  -8.006  0.814   1.00 28.77 ? 16   SER A CB  1 
ATOM   184 O  OG  . SER A 1 24 ? 17.766  -8.834  0.030   1.00 31.60 ? 16   SER A OG  1 
ATOM   185 N  N   . THR A 1 25 ? 16.529  -5.788  1.593   1.00 23.56 ? 17   THR A N   1 
ATOM   186 C  CA  . THR A 1 25 ? 15.252  -5.133  1.360   1.00 23.95 ? 17   THR A CA  1 
ATOM   187 C  C   . THR A 1 25 ? 15.278  -4.218  0.148   1.00 23.39 ? 17   THR A C   1 
ATOM   188 O  O   . THR A 1 25 ? 16.339  -3.877  -0.388  1.00 21.57 ? 17   THR A O   1 
ATOM   189 C  CB  . THR A 1 25 ? 14.824  -4.280  2.567   1.00 24.52 ? 17   THR A CB  1 
ATOM   190 O  OG1 . THR A 1 25 ? 15.675  -3.128  2.660   1.00 26.71 ? 17   THR A OG1 1 
ATOM   191 C  CG2 . THR A 1 25 ? 14.926  -5.083  3.857   1.00 25.74 ? 17   THR A CG2 1 
ATOM   192 N  N   . GLN A 1 26 ? 14.084  -3.825  -0.271  1.00 22.02 ? 18   GLN A N   1 
ATOM   193 C  CA  . GLN A 1 26 ? 13.905  -2.931  -1.395  1.00 22.54 ? 18   GLN A CA  1 
ATOM   194 C  C   . GLN A 1 26 ? 12.638  -2.132  -1.099  1.00 23.78 ? 18   GLN A C   1 
ATOM   195 O  O   . GLN A 1 26 ? 11.682  -2.669  -0.538  1.00 23.87 ? 18   GLN A O   1 
ATOM   196 C  CB  . GLN A 1 26 ? 13.753  -3.752  -2.675  1.00 25.88 ? 18   GLN A CB  1 
ATOM   197 C  CG  . GLN A 1 26 ? 13.311  -2.974  -3.884  1.00 33.33 ? 18   GLN A CG  1 
ATOM   198 C  CD  . GLN A 1 26 ? 13.274  -3.833  -5.133  1.00 35.97 ? 18   GLN A CD  1 
ATOM   199 O  OE1 . GLN A 1 26 ? 12.620  -3.484  -6.113  1.00 39.95 ? 18   GLN A OE1 1 
ATOM   200 N  NE2 . GLN A 1 26 ? 13.985  -4.957  -5.108  1.00 36.51 ? 18   GLN A NE2 1 
ATOM   201 N  N   . THR A 1 27 ? 12.639  -0.847  -1.432  1.00 22.10 ? 19   THR A N   1 
ATOM   202 C  CA  . THR A 1 27 ? 11.458  -0.028  -1.194  1.00 23.00 ? 19   THR A CA  1 
ATOM   203 C  C   . THR A 1 27 ? 11.014  0.612   -2.496  1.00 24.09 ? 19   THR A C   1 
ATOM   204 O  O   . THR A 1 27 ? 11.824  0.854   -3.395  1.00 24.68 ? 19   THR A O   1 
ATOM   205 C  CB  . THR A 1 27 ? 11.715  1.094   -0.159  1.00 24.80 ? 19   THR A CB  1 
ATOM   206 O  OG1 . THR A 1 27 ? 12.684  2.017   -0.676  1.00 26.55 ? 19   THR A OG1 1 
ATOM   207 C  CG2 . THR A 1 27 ? 12.213  0.508   1.148   1.00 26.49 ? 19   THR A CG2 1 
ATOM   208 N  N   . ALA A 1 28 ? 9.718   0.873   -2.595  1.00 23.78 ? 20   ALA A N   1 
ATOM   209 C  CA  . ALA A 1 28 ? 9.151   1.492   -3.780  1.00 23.87 ? 20   ALA A CA  1 
ATOM   210 C  C   . ALA A 1 28 ? 7.930   2.289   -3.352  1.00 24.84 ? 20   ALA A C   1 
ATOM   211 O  O   . ALA A 1 28 ? 7.339   2.017   -2.306  1.00 24.02 ? 20   ALA A O   1 
ATOM   212 C  CB  . ALA A 1 28 ? 8.757   0.427   -4.793  1.00 25.43 ? 20   ALA A CB  1 
ATOM   213 N  N   . GLU A 1 29 ? 7.558   3.273   -4.160  1.00 23.71 ? 21   GLU A N   1 
ATOM   214 C  CA  . GLU A 1 29 ? 6.406   4.103   -3.846  1.00 25.76 ? 21   GLU A CA  1 
ATOM   215 C  C   . GLU A 1 29 ? 5.378   4.028   -4.968  1.00 25.70 ? 21   GLU A C   1 
ATOM   216 O  O   . GLU A 1 29 ? 5.728   4.006   -6.151  1.00 25.77 ? 21   GLU A O   1 
ATOM   217 C  CB  . GLU A 1 29 ? 6.853   5.550   -3.641  1.00 28.85 ? 21   GLU A CB  1 
ATOM   218 C  CG  . GLU A 1 29 ? 5.823   6.437   -2.970  1.00 35.37 ? 21   GLU A CG  1 
ATOM   219 C  CD  . GLU A 1 29 ? 6.313   7.863   -2.809  1.00 38.09 ? 21   GLU A CD  1 
ATOM   220 O  OE1 . GLU A 1 29 ? 6.428   8.576   -3.829  1.00 41.48 ? 21   GLU A OE1 1 
ATOM   221 O  OE2 . GLU A 1 29 ? 6.593   8.269   -1.661  1.00 40.19 ? 21   GLU A OE2 1 
ATOM   222 N  N   . PHE A 1 30 ? 4.108   3.980   -4.586  1.00 23.46 ? 22   PHE A N   1 
ATOM   223 C  CA  . PHE A 1 30 ? 3.010   3.909   -5.540  1.00 24.24 ? 22   PHE A CA  1 
ATOM   224 C  C   . PHE A 1 30 ? 1.961   4.933   -5.109  1.00 24.71 ? 22   PHE A C   1 
ATOM   225 O  O   . PHE A 1 30 ? 1.765   5.158   -3.915  1.00 24.35 ? 22   PHE A O   1 
ATOM   226 C  CB  . PHE A 1 30 ? 2.415   2.500   -5.545  1.00 26.19 ? 22   PHE A CB  1 
ATOM   227 C  CG  . PHE A 1 30 ? 3.405   1.427   -5.918  1.00 26.95 ? 22   PHE A CG  1 
ATOM   228 C  CD1 . PHE A 1 30 ? 3.709   1.172   -7.253  1.00 27.34 ? 22   PHE A CD1 1 
ATOM   229 C  CD2 . PHE A 1 30 ? 4.057   0.692   -4.931  1.00 27.39 ? 22   PHE A CD2 1 
ATOM   230 C  CE1 . PHE A 1 30 ? 4.649   0.200   -7.599  1.00 28.50 ? 22   PHE A CE1 1 
ATOM   231 C  CE2 . PHE A 1 30 ? 5.000   -0.282  -5.265  1.00 27.26 ? 22   PHE A CE2 1 
ATOM   232 C  CZ  . PHE A 1 30 ? 5.295   -0.528  -6.603  1.00 26.90 ? 22   PHE A CZ  1 
ATOM   233 N  N   . LYS A 1 31 ? 1.299   5.559   -6.076  1.00 23.97 ? 23   LYS A N   1 
ATOM   234 C  CA  . LYS A 1 31 ? 0.291   6.567   -5.765  1.00 24.57 ? 23   LYS A CA  1 
ATOM   235 C  C   . LYS A 1 31 ? -0.953  6.425   -6.633  1.00 25.02 ? 23   LYS A C   1 
ATOM   236 O  O   . LYS A 1 31 ? -0.889  5.931   -7.760  1.00 26.09 ? 23   LYS A O   1 
ATOM   237 C  CB  . LYS A 1 31 ? 0.887   7.965   -5.932  1.00 24.91 ? 23   LYS A CB  1 
ATOM   238 N  N   . GLY A 1 32 ? -2.083  6.873   -6.093  1.00 24.36 ? 24   GLY A N   1 
ATOM   239 C  CA  . GLY A 1 32 ? -3.348  6.804   -6.802  1.00 24.01 ? 24   GLY A CA  1 
ATOM   240 C  C   . GLY A 1 32 ? -4.414  6.420   -5.800  1.00 22.52 ? 24   GLY A C   1 
ATOM   241 O  O   . GLY A 1 32 ? -4.278  6.731   -4.618  1.00 23.42 ? 24   GLY A O   1 
ATOM   242 N  N   . THR A 1 33 ? -5.479  5.764   -6.247  1.00 21.01 ? 25   THR A N   1 
ATOM   243 C  CA  . THR A 1 33 ? -6.496  5.333   -5.300  1.00 20.40 ? 25   THR A CA  1 
ATOM   244 C  C   . THR A 1 33 ? -5.836  4.197   -4.522  1.00 20.97 ? 25   THR A C   1 
ATOM   245 O  O   . THR A 1 33 ? -4.861  3.609   -4.993  1.00 19.17 ? 25   THR A O   1 
ATOM   246 C  CB  . THR A 1 33 ? -7.756  4.784   -6.001  1.00 21.80 ? 25   THR A CB  1 
ATOM   247 O  OG1 . THR A 1 33 ? -7.417  3.625   -6.772  1.00 22.85 ? 25   THR A OG1 1 
ATOM   248 C  CG2 . THR A 1 33 ? -8.360  5.842   -6.908  1.00 23.87 ? 25   THR A CG2 1 
ATOM   249 N  N   . PHE A 1 34 ? -6.346  3.895   -3.335  1.00 19.96 ? 26   PHE A N   1 
ATOM   250 C  CA  . PHE A 1 34 ? -5.784  2.808   -2.535  1.00 20.28 ? 26   PHE A CA  1 
ATOM   251 C  C   . PHE A 1 34 ? -5.828  1.521   -3.359  1.00 21.10 ? 26   PHE A C   1 
ATOM   252 O  O   . PHE A 1 34 ? -4.857  0.761   -3.407  1.00 20.19 ? 26   PHE A O   1 
ATOM   253 C  CB  . PHE A 1 34 ? -6.601  2.626   -1.251  1.00 19.56 ? 26   PHE A CB  1 
ATOM   254 C  CG  . PHE A 1 34 ? -6.136  1.483   -0.384  1.00 19.79 ? 26   PHE A CG  1 
ATOM   255 C  CD1 . PHE A 1 34 ? -5.155  1.677   0.583   1.00 18.89 ? 26   PHE A CD1 1 
ATOM   256 C  CD2 . PHE A 1 34 ? -6.695  0.218   -0.525  1.00 19.38 ? 26   PHE A CD2 1 
ATOM   257 C  CE1 . PHE A 1 34 ? -4.739  0.626   1.402   1.00 21.45 ? 26   PHE A CE1 1 
ATOM   258 C  CE2 . PHE A 1 34 ? -6.287  -0.843  0.285   1.00 20.99 ? 26   PHE A CE2 1 
ATOM   259 C  CZ  . PHE A 1 34 ? -5.309  -0.640  1.251   1.00 18.84 ? 26   PHE A CZ  1 
ATOM   260 N  N   . GLU A 1 35 ? -6.962  1.295   -4.016  1.00 21.09 ? 27   GLU A N   1 
ATOM   261 C  CA  . GLU A 1 35 ? -7.165  0.101   -4.830  1.00 22.22 ? 27   GLU A CA  1 
ATOM   262 C  C   . GLU A 1 35 ? -6.136  -0.059  -5.955  1.00 22.23 ? 27   GLU A C   1 
ATOM   263 O  O   . GLU A 1 35 ? -5.534  -1.119  -6.116  1.00 22.12 ? 27   GLU A O   1 
ATOM   264 C  CB  . GLU A 1 35 ? -8.578  0.114   -5.429  1.00 22.39 ? 27   GLU A CB  1 
ATOM   265 C  CG  . GLU A 1 35 ? -9.713  -0.071  -4.425  1.00 22.04 ? 27   GLU A CG  1 
ATOM   266 C  CD  . GLU A 1 35 ? -10.107 1.205   -3.699  1.00 21.79 ? 27   GLU A CD  1 
ATOM   267 O  OE1 . GLU A 1 35 ? -9.371  2.211   -3.779  1.00 20.64 ? 27   GLU A OE1 1 
ATOM   268 O  OE2 . GLU A 1 35 ? -11.163 1.198   -3.041  1.00 21.86 ? 27   GLU A OE2 1 
ATOM   269 N  N   . LYS A 1 36 ? -5.947  0.996   -6.735  1.00 23.37 ? 28   LYS A N   1 
ATOM   270 C  CA  . LYS A 1 36 ? -4.998  0.970   -7.842  1.00 25.03 ? 28   LYS A CA  1 
ATOM   271 C  C   . LYS A 1 36 ? -3.550  0.899   -7.354  1.00 23.18 ? 28   LYS A C   1 
ATOM   272 O  O   . LYS A 1 36 ? -2.756  0.104   -7.854  1.00 22.18 ? 28   LYS A O   1 
ATOM   273 C  CB  . LYS A 1 36 ? -5.213  2.213   -8.704  1.00 27.62 ? 28   LYS A CB  1 
ATOM   274 C  CG  . LYS A 1 36 ? -4.150  2.489   -9.754  1.00 33.12 ? 28   LYS A CG  1 
ATOM   275 C  CD  . LYS A 1 36 ? -4.415  3.855   -10.376 1.00 36.76 ? 28   LYS A CD  1 
ATOM   276 C  CE  . LYS A 1 36 ? -4.509  4.929   -9.287  1.00 39.20 ? 28   LYS A CE  1 
ATOM   277 N  NZ  . LYS A 1 36 ? -5.385  6.081   -9.645  1.00 37.17 ? 28   LYS A NZ  1 
ATOM   278 N  N   . ALA A 1 37 ? -3.217  1.721   -6.364  1.00 21.06 ? 29   ALA A N   1 
ATOM   279 C  CA  . ALA A 1 37 ? -1.862  1.761   -5.822  1.00 21.16 ? 29   ALA A CA  1 
ATOM   280 C  C   . ALA A 1 37 ? -1.407  0.425   -5.237  1.00 21.59 ? 29   ALA A C   1 
ATOM   281 O  O   . ALA A 1 37 ? -0.294  -0.028  -5.509  1.00 21.68 ? 29   ALA A O   1 
ATOM   282 C  CB  . ALA A 1 37 ? -1.758  2.853   -4.763  1.00 20.70 ? 29   ALA A CB  1 
ATOM   283 N  N   . THR A 1 38 ? -2.254  -0.202  -4.428  1.00 20.80 ? 30   THR A N   1 
ATOM   284 C  CA  . THR A 1 38 ? -1.896  -1.483  -3.836  1.00 21.97 ? 30   THR A CA  1 
ATOM   285 C  C   . THR A 1 38 ? -1.839  -2.558  -4.924  1.00 23.33 ? 30   THR A C   1 
ATOM   286 O  O   . THR A 1 38 ? -0.999  -3.454  -4.875  1.00 21.86 ? 30   THR A O   1 
ATOM   287 C  CB  . THR A 1 38 ? -2.899  -1.913  -2.731  1.00 21.81 ? 30   THR A CB  1 
ATOM   288 O  OG1 . THR A 1 38 ? -4.228  -1.936  -3.260  1.00 22.92 ? 30   THR A OG1 1 
ATOM   289 C  CG2 . THR A 1 38 ? -2.838  -0.952  -1.549  1.00 22.90 ? 30   THR A CG2 1 
ATOM   290 N  N   . SER A 1 39 ? -2.722  -2.459  -5.912  1.00 24.61 ? 31   SER A N   1 
ATOM   291 C  CA  . SER A 1 39 ? -2.730  -3.430  -7.005  1.00 25.99 ? 31   SER A CA  1 
ATOM   292 C  C   . SER A 1 39 ? -1.398  -3.425  -7.740  1.00 26.00 ? 31   SER A C   1 
ATOM   293 O  O   . SER A 1 39 ? -0.882  -4.480  -8.108  1.00 27.11 ? 31   SER A O   1 
ATOM   294 C  CB  . SER A 1 39 ? -3.862  -3.130  -7.990  1.00 27.98 ? 31   SER A CB  1 
ATOM   295 O  OG  . SER A 1 39 ? -5.120  -3.392  -7.395  1.00 33.96 ? 31   SER A OG  1 
ATOM   296 N  N   . GLU A 1 40 ? -0.839  -2.238  -7.956  1.00 26.04 ? 32   GLU A N   1 
ATOM   297 C  CA  . GLU A 1 40 ? 0.443   -2.127  -8.644  1.00 26.68 ? 32   GLU A CA  1 
ATOM   298 C  C   . GLU A 1 40 ? 1.572   -2.680  -7.780  1.00 25.96 ? 32   GLU A C   1 
ATOM   299 O  O   . GLU A 1 40 ? 2.503   -3.309  -8.289  1.00 25.60 ? 32   GLU A O   1 
ATOM   300 C  CB  . GLU A 1 40 ? 0.727   -0.669  -9.013  1.00 28.38 ? 32   GLU A CB  1 
ATOM   301 C  CG  . GLU A 1 40 ? -0.196  -0.133  -10.096 1.00 33.84 ? 32   GLU A CG  1 
ATOM   302 C  CD  . GLU A 1 40 ? 0.054   1.328   -10.420 1.00 37.39 ? 32   GLU A CD  1 
ATOM   303 O  OE1 . GLU A 1 40 ? 0.937   1.943   -9.787  1.00 40.18 ? 32   GLU A OE1 1 
ATOM   304 O  OE2 . GLU A 1 40 ? -0.641  1.862   -11.311 1.00 40.66 ? 32   GLU A OE2 1 
ATOM   305 N  N   . ALA A 1 41 ? 1.482   -2.448  -6.472  1.00 23.32 ? 33   ALA A N   1 
ATOM   306 C  CA  . ALA A 1 41 ? 2.491   -2.940  -5.537  1.00 22.67 ? 33   ALA A CA  1 
ATOM   307 C  C   . ALA A 1 41 ? 2.495   -4.468  -5.534  1.00 22.68 ? 33   ALA A C   1 
ATOM   308 O  O   . ALA A 1 41 ? 3.554   -5.095  -5.535  1.00 22.61 ? 33   ALA A O   1 
ATOM   309 C  CB  . ALA A 1 41 ? 2.202   -2.419  -4.133  1.00 22.43 ? 33   ALA A CB  1 
ATOM   310 N  N   . TYR A 1 42 ? 1.307   -5.062  -5.529  1.00 22.40 ? 34   TYR A N   1 
ATOM   311 C  CA  . TYR A 1 42 ? 1.187   -6.515  -5.530  1.00 23.41 ? 34   TYR A CA  1 
ATOM   312 C  C   . TYR A 1 42 ? 1.651   -7.096  -6.864  1.00 24.66 ? 34   TYR A C   1 
ATOM   313 O  O   . TYR A 1 42 ? 2.273   -8.154  -6.902  1.00 24.09 ? 34   TYR A O   1 
ATOM   314 C  CB  . TYR A 1 42 ? -0.258  -6.917  -5.240  1.00 24.19 ? 34   TYR A CB  1 
ATOM   315 C  CG  . TYR A 1 42 ? -0.745  -6.459  -3.880  1.00 25.44 ? 34   TYR A CG  1 
ATOM   316 C  CD1 . TYR A 1 42 ? 0.155   -6.211  -2.841  1.00 25.97 ? 34   TYR A CD1 1 
ATOM   317 C  CD2 . TYR A 1 42 ? -2.102  -6.264  -3.634  1.00 26.21 ? 34   TYR A CD2 1 
ATOM   318 C  CE1 . TYR A 1 42 ? -0.288  -5.776  -1.589  1.00 27.21 ? 34   TYR A CE1 1 
ATOM   319 C  CE2 . TYR A 1 42 ? -2.553  -5.829  -2.390  1.00 27.66 ? 34   TYR A CE2 1 
ATOM   320 C  CZ  . TYR A 1 42 ? -1.642  -5.584  -1.374  1.00 27.93 ? 34   TYR A CZ  1 
ATOM   321 O  OH  . TYR A 1 42 ? -2.086  -5.130  -0.150  1.00 31.21 ? 34   TYR A OH  1 
ATOM   322 N  N   . ALA A 1 43 ? 1.351   -6.398  -7.957  1.00 24.65 ? 35   ALA A N   1 
ATOM   323 C  CA  . ALA A 1 43 ? 1.763   -6.858  -9.278  1.00 26.04 ? 35   ALA A CA  1 
ATOM   324 C  C   . ALA A 1 43 ? 3.285   -6.881  -9.330  1.00 26.78 ? 35   ALA A C   1 
ATOM   325 O  O   . ALA A 1 43 ? 3.886   -7.810  -9.873  1.00 27.88 ? 35   ALA A O   1 
ATOM   326 C  CB  . ALA A 1 43 ? 1.214   -5.933  -10.356 1.00 25.40 ? 35   ALA A CB  1 
ATOM   327 N  N   . TYR A 1 44 ? 3.905   -5.853  -8.761  1.00 26.88 ? 36   TYR A N   1 
ATOM   328 C  CA  . TYR A 1 44 ? 5.357   -5.770  -8.729  1.00 27.38 ? 36   TYR A CA  1 
ATOM   329 C  C   . TYR A 1 44 ? 5.916   -6.923  -7.900  1.00 27.74 ? 36   TYR A C   1 
ATOM   330 O  O   . TYR A 1 44 ? 6.883   -7.572  -8.297  1.00 27.12 ? 36   TYR A O   1 
ATOM   331 C  CB  . TYR A 1 44 ? 5.817   -4.449  -8.114  1.00 28.57 ? 36   TYR A CB  1 
ATOM   332 C  CG  . TYR A 1 44 ? 7.321   -4.315  -8.092  1.00 31.80 ? 36   TYR A CG  1 
ATOM   333 C  CD1 . TYR A 1 44 ? 8.078   -4.647  -9.214  1.00 34.36 ? 36   TYR A CD1 1 
ATOM   334 C  CD2 . TYR A 1 44 ? 7.989   -3.889  -6.948  1.00 31.91 ? 36   TYR A CD2 1 
ATOM   335 C  CE1 . TYR A 1 44 ? 9.462   -4.563  -9.197  1.00 36.15 ? 36   TYR A CE1 1 
ATOM   336 C  CE2 . TYR A 1 44 ? 9.378   -3.800  -6.920  1.00 35.36 ? 36   TYR A CE2 1 
ATOM   337 C  CZ  . TYR A 1 44 ? 10.106  -4.140  -8.050  1.00 35.76 ? 36   TYR A CZ  1 
ATOM   338 O  OH  . TYR A 1 44 ? 11.476  -4.077  -8.038  1.00 38.69 ? 36   TYR A OH  1 
ATOM   339 N  N   . ALA A 1 45 ? 5.308   -7.166  -6.743  1.00 26.27 ? 37   ALA A N   1 
ATOM   340 C  CA  . ALA A 1 45 ? 5.754   -8.244  -5.869  1.00 26.65 ? 37   ALA A CA  1 
ATOM   341 C  C   . ALA A 1 45 ? 5.698   -9.580  -6.607  1.00 27.10 ? 37   ALA A C   1 
ATOM   342 O  O   . ALA A 1 45 ? 6.591   -10.413 -6.462  1.00 26.53 ? 37   ALA A O   1 
ATOM   343 C  CB  . ALA A 1 45 ? 4.885   -8.302  -4.620  1.00 26.79 ? 37   ALA A CB  1 
ATOM   344 N  N   . ASP A 1 46 ? 4.647   -9.774  -7.401  1.00 25.52 ? 38   ASP A N   1 
ATOM   345 C  CA  . ASP A 1 46 ? 4.476   -11.013 -8.154  1.00 27.26 ? 38   ASP A CA  1 
ATOM   346 C  C   . ASP A 1 46 ? 5.585   -11.263 -9.172  1.00 27.86 ? 38   ASP A C   1 
ATOM   347 O  O   . ASP A 1 46 ? 5.899   -12.415 -9.475  1.00 27.77 ? 38   ASP A O   1 
ATOM   348 C  CB  . ASP A 1 46 ? 3.111   -11.025 -8.858  1.00 28.41 ? 38   ASP A CB  1 
ATOM   349 C  CG  . ASP A 1 46 ? 1.974   -11.422 -7.927  1.00 30.42 ? 38   ASP A CG  1 
ATOM   350 O  OD1 . ASP A 1 46 ? 2.249   -11.817 -6.773  1.00 32.14 ? 38   ASP A OD1 1 
ATOM   351 O  OD2 . ASP A 1 46 ? 0.799   -11.349 -8.348  1.00 31.89 ? 38   ASP A OD2 1 
ATOM   352 N  N   . THR A 1 47 ? 6.179   -10.198 -9.700  1.00 27.56 ? 39   THR A N   1 
ATOM   353 C  CA  . THR A 1 47 ? 7.254   -10.356 -10.678 1.00 29.97 ? 39   THR A CA  1 
ATOM   354 C  C   . THR A 1 47 ? 8.529   -10.836 -9.992  1.00 29.99 ? 39   THR A C   1 
ATOM   355 O  O   . THR A 1 47 ? 9.482   -11.251 -10.653 1.00 31.53 ? 39   THR A O   1 
ATOM   356 C  CB  . THR A 1 47 ? 7.569   -9.034  -11.418 1.00 28.62 ? 39   THR A CB  1 
ATOM   357 O  OG1 . THR A 1 47 ? 8.232   -8.127  -10.529 1.00 29.39 ? 39   THR A OG1 1 
ATOM   358 C  CG2 . THR A 1 47 ? 6.291   -8.393  -11.933 1.00 28.95 ? 39   THR A CG2 1 
ATOM   359 N  N   . LEU A 1 48 ? 8.542   -10.784 -8.665  1.00 28.21 ? 40   LEU A N   1 
ATOM   360 C  CA  . LEU A 1 48 ? 9.710   -11.203 -7.901  1.00 28.36 ? 40   LEU A CA  1 
ATOM   361 C  C   . LEU A 1 48 ? 9.565   -12.596 -7.287  1.00 27.81 ? 40   LEU A C   1 
ATOM   362 O  O   . LEU A 1 48 ? 10.508  -13.114 -6.697  1.00 27.16 ? 40   LEU A O   1 
ATOM   363 C  CB  . LEU A 1 48 ? 9.998   -10.190 -6.790  1.00 28.49 ? 40   LEU A CB  1 
ATOM   364 C  CG  . LEU A 1 48 ? 10.275  -8.750  -7.231  1.00 31.00 ? 40   LEU A CG  1 
ATOM   365 C  CD1 . LEU A 1 48 ? 10.472  -7.868  -6.004  1.00 31.04 ? 40   LEU A CD1 1 
ATOM   366 C  CD2 . LEU A 1 48 ? 11.506  -8.710  -8.119  1.00 32.04 ? 40   LEU A CD2 1 
ATOM   367 N  N   . LYS A 1 49 ? 8.389   -13.201 -7.431  1.00 28.94 ? 41   LYS A N   1 
ATOM   368 C  CA  . LYS A 1 49 ? 8.140   -14.526 -6.862  1.00 31.46 ? 41   LYS A CA  1 
ATOM   369 C  C   . LYS A 1 49 ? 9.016   -15.624 -7.451  1.00 31.78 ? 41   LYS A C   1 
ATOM   370 O  O   . LYS A 1 49 ? 9.498   -16.497 -6.727  1.00 31.59 ? 41   LYS A O   1 
ATOM   371 C  CB  . LYS A 1 49 ? 6.668   -14.907 -7.035  1.00 33.87 ? 41   LYS A CB  1 
ATOM   372 C  CG  . LYS A 1 49 ? 5.713   -14.068 -6.208  1.00 37.37 ? 41   LYS A CG  1 
ATOM   373 C  CD  . LYS A 1 49 ? 4.261   -14.345 -6.575  1.00 40.25 ? 41   LYS A CD  1 
ATOM   374 C  CE  . LYS A 1 49 ? 3.876   -15.790 -6.322  1.00 40.98 ? 41   LYS A CE  1 
ATOM   375 N  NZ  . LYS A 1 49 ? 2.463   -16.045 -6.715  1.00 42.76 ? 41   LYS A NZ  1 
ATOM   376 N  N   . LYS A 1 50 ? 9.222   -15.580 -8.764  1.00 32.21 ? 42   LYS A N   1 
ATOM   377 C  CA  . LYS A 1 50 ? 10.038  -16.583 -9.441  1.00 33.48 ? 42   LYS A CA  1 
ATOM   378 C  C   . LYS A 1 50 ? 11.388  -16.780 -8.761  1.00 33.78 ? 42   LYS A C   1 
ATOM   379 O  O   . LYS A 1 50 ? 11.847  -17.909 -8.591  1.00 35.61 ? 42   LYS A O   1 
ATOM   380 C  CB  . LYS A 1 50 ? 10.244  -16.187 -10.902 1.00 34.12 ? 42   LYS A CB  1 
ATOM   381 N  N   . ASP A 1 51 ? 12.020  -15.682 -8.363  1.00 32.60 ? 43   ASP A N   1 
ATOM   382 C  CA  . ASP A 1 51 ? 13.325  -15.754 -7.720  1.00 32.52 ? 43   ASP A CA  1 
ATOM   383 C  C   . ASP A 1 51 ? 13.318  -15.664 -6.197  1.00 30.43 ? 43   ASP A C   1 
ATOM   384 O  O   . ASP A 1 51 ? 14.262  -16.122 -5.552  1.00 30.06 ? 43   ASP A O   1 
ATOM   385 C  CB  . ASP A 1 51 ? 14.237  -14.653 -8.269  1.00 35.81 ? 43   ASP A CB  1 
ATOM   386 C  CG  . ASP A 1 51 ? 14.624  -14.878 -9.720  1.00 40.24 ? 43   ASP A CG  1 
ATOM   387 O  OD1 . ASP A 1 51 ? 14.310  -15.958 -10.266 1.00 42.27 ? 43   ASP A OD1 1 
ATOM   388 O  OD2 . ASP A 1 51 ? 15.249  -13.974 -10.313 1.00 42.43 ? 43   ASP A OD2 1 
ATOM   389 N  N   . ASN A 1 52 ? 12.267  -15.093 -5.613  1.00 27.29 ? 44   ASN A N   1 
ATOM   390 C  CA  . ASN A 1 52 ? 12.232  -14.939 -4.161  1.00 25.23 ? 44   ASN A CA  1 
ATOM   391 C  C   . ASN A 1 52 ? 11.142  -15.677 -3.385  1.00 23.19 ? 44   ASN A C   1 
ATOM   392 O  O   . ASN A 1 52 ? 11.076  -15.563 -2.161  1.00 23.15 ? 44   ASN A O   1 
ATOM   393 C  CB  . ASN A 1 52 ? 12.183  -13.452 -3.813  1.00 25.91 ? 44   ASN A CB  1 
ATOM   394 C  CG  . ASN A 1 52 ? 13.318  -12.679 -4.442  1.00 27.47 ? 44   ASN A CG  1 
ATOM   395 O  OD1 . ASN A 1 52 ? 13.181  -12.125 -5.534  1.00 31.06 ? 44   ASN A OD1 1 
ATOM   396 N  ND2 . ASN A 1 52 ? 14.457  -12.655 -3.766  1.00 26.18 ? 44   ASN A ND2 1 
ATOM   397 N  N   . GLY A 1 53 ? 10.290  -16.419 -4.085  1.00 22.58 ? 45   GLY A N   1 
ATOM   398 C  CA  . GLY A 1 53 ? 9.244   -17.172 -3.412  1.00 22.70 ? 45   GLY A CA  1 
ATOM   399 C  C   . GLY A 1 53 ? 7.947   -16.434 -3.124  1.00 23.08 ? 45   GLY A C   1 
ATOM   400 O  O   . GLY A 1 53 ? 7.737   -15.308 -3.583  1.00 22.65 ? 45   GLY A O   1 
ATOM   401 N  N   . GLU A 1 54 ? 7.074   -17.088 -2.361  1.00 22.37 ? 46   GLU A N   1 
ATOM   402 C  CA  . GLU A 1 54 ? 5.772   -16.538 -1.983  1.00 22.77 ? 46   GLU A CA  1 
ATOM   403 C  C   . GLU A 1 54 ? 5.905   -15.368 -1.014  1.00 20.87 ? 46   GLU A C   1 
ATOM   404 O  O   . GLU A 1 54 ? 6.807   -15.348 -0.183  1.00 21.77 ? 46   GLU A O   1 
ATOM   405 C  CB  . GLU A 1 54 ? 4.918   -17.617 -1.315  1.00 27.48 ? 46   GLU A CB  1 
ATOM   406 C  CG  . GLU A 1 54 ? 4.318   -18.633 -2.264  1.00 35.90 ? 46   GLU A CG  1 
ATOM   407 C  CD  . GLU A 1 54 ? 3.228   -18.035 -3.128  1.00 39.92 ? 46   GLU A CD  1 
ATOM   408 O  OE1 . GLU A 1 54 ? 2.227   -17.536 -2.569  1.00 42.98 ? 46   GLU A OE1 1 
ATOM   409 O  OE2 . GLU A 1 54 ? 3.374   -18.062 -4.365  1.00 44.04 ? 46   GLU A OE2 1 
ATOM   410 N  N   . TRP A 1 55 ? 4.993   -14.406 -1.115  1.00 20.52 ? 47   TRP A N   1 
ATOM   411 C  CA  . TRP A 1 55 ? 5.023   -13.251 -0.221  1.00 19.34 ? 47   TRP A CA  1 
ATOM   412 C  C   . TRP A 1 55 ? 3.712   -13.054 0.525   1.00 20.45 ? 47   TRP A C   1 
ATOM   413 O  O   . TRP A 1 55 ? 2.653   -13.496 0.078   1.00 21.92 ? 47   TRP A O   1 
ATOM   414 C  CB  . TRP A 1 55 ? 5.352   -11.965 -0.997  1.00 19.74 ? 47   TRP A CB  1 
ATOM   415 C  CG  . TRP A 1 55 ? 4.438   -11.669 -2.165  1.00 22.36 ? 47   TRP A CG  1 
ATOM   416 C  CD1 . TRP A 1 55 ? 4.630   -12.037 -3.471  1.00 23.33 ? 47   TRP A CD1 1 
ATOM   417 C  CD2 . TRP A 1 55 ? 3.193   -10.952 -2.133  1.00 22.80 ? 47   TRP A CD2 1 
ATOM   418 N  NE1 . TRP A 1 55 ? 3.587   -11.591 -4.249  1.00 23.29 ? 47   TRP A NE1 1 
ATOM   419 C  CE2 . TRP A 1 55 ? 2.690   -10.926 -3.455  1.00 23.68 ? 47   TRP A CE2 1 
ATOM   420 C  CE3 . TRP A 1 55 ? 2.453   -10.332 -1.116  1.00 23.24 ? 47   TRP A CE3 1 
ATOM   421 C  CZ2 . TRP A 1 55 ? 1.480   -10.300 -3.787  1.00 24.23 ? 47   TRP A CZ2 1 
ATOM   422 C  CZ3 . TRP A 1 55 ? 1.247   -9.708  -1.447  1.00 24.08 ? 47   TRP A CZ3 1 
ATOM   423 C  CH2 . TRP A 1 55 ? 0.774   -9.699  -2.773  1.00 25.33 ? 47   TRP A CH2 1 
ATOM   424 N  N   . THR A 1 56 ? 3.801   -12.397 1.676   1.00 20.28 ? 48   THR A N   1 
ATOM   425 C  CA  . THR A 1 56 ? 2.635   -12.075 2.485   1.00 21.68 ? 48   THR A CA  1 
ATOM   426 C  C   . THR A 1 56 ? 2.753   -10.577 2.741   1.00 22.00 ? 48   THR A C   1 
ATOM   427 O  O   . THR A 1 56 ? 3.842   -10.011 2.627   1.00 20.30 ? 48   THR A O   1 
ATOM   428 C  CB  . THR A 1 56 ? 2.626   -12.824 3.834   1.00 23.28 ? 48   THR A CB  1 
ATOM   429 O  OG1 . THR A 1 56 ? 3.804   -12.498 4.579   1.00 27.01 ? 48   THR A OG1 1 
ATOM   430 C  CG2 . THR A 1 56 ? 2.562   -14.331 3.605   1.00 25.96 ? 48   THR A CG2 1 
ATOM   431 N  N   . VAL A 1 57 ? 1.647   -9.928  3.078   1.00 20.72 ? 49   VAL A N   1 
ATOM   432 C  CA  . VAL A 1 57 ? 1.702   -8.492  3.313   1.00 20.80 ? 49   VAL A CA  1 
ATOM   433 C  C   . VAL A 1 57 ? 0.930   -8.043  4.545   1.00 21.51 ? 49   VAL A C   1 
ATOM   434 O  O   . VAL A 1 57 ? -0.040  -8.683  4.956   1.00 21.39 ? 49   VAL A O   1 
ATOM   435 C  CB  . VAL A 1 57 ? 1.160   -7.713  2.076   1.00 21.79 ? 49   VAL A CB  1 
ATOM   436 C  CG1 . VAL A 1 57 ? -0.296  -8.077  1.822   1.00 24.46 ? 49   VAL A CG1 1 
ATOM   437 C  CG2 . VAL A 1 57 ? 1.289   -6.208  2.294   1.00 22.22 ? 49   VAL A CG2 1 
ATOM   438 N  N   . ASP A 1 58 ? 1.412   -6.966  5.157   1.00 19.01 ? 50   ASP A N   1 
ATOM   439 C  CA  . ASP A 1 58 ? 0.735   -6.357  6.288   1.00 18.94 ? 50   ASP A CA  1 
ATOM   440 C  C   . ASP A 1 58 ? 0.586   -4.899  5.882   1.00 19.86 ? 50   ASP A C   1 
ATOM   441 O  O   . ASP A 1 58 ? 1.568   -4.253  5.511   1.00 21.04 ? 50   ASP A O   1 
ATOM   442 C  CB  . ASP A 1 58 ? 1.547   -6.418  7.578   1.00 20.25 ? 50   ASP A CB  1 
ATOM   443 C  CG  . ASP A 1 58 ? 0.760   -5.877  8.759   1.00 24.41 ? 50   ASP A CG  1 
ATOM   444 O  OD1 . ASP A 1 58 ? -0.475  -5.820  8.625   1.00 21.00 ? 50   ASP A OD1 1 
ATOM   445 O  OD2 . ASP A 1 58 ? 1.347   -5.522  9.802   1.00 26.28 ? 50   ASP A OD2 1 
ATOM   446 N  N   . VAL A 1 59 ? -0.643  -4.398  5.928   1.00 19.42 ? 51   VAL A N   1 
ATOM   447 C  CA  . VAL A 1 59 ? -0.947  -3.015  5.572   1.00 20.03 ? 51   VAL A CA  1 
ATOM   448 C  C   . VAL A 1 59 ? -1.109  -2.200  6.860   1.00 20.86 ? 51   VAL A C   1 
ATOM   449 O  O   . VAL A 1 59 ? -1.884  -2.577  7.738   1.00 22.08 ? 51   VAL A O   1 
ATOM   450 C  CB  . VAL A 1 59 ? -2.257  -2.947  4.759   1.00 20.70 ? 51   VAL A CB  1 
ATOM   451 C  CG1 . VAL A 1 59 ? -2.585  -1.507  4.408   1.00 23.07 ? 51   VAL A CG1 1 
ATOM   452 C  CG2 . VAL A 1 59 ? -2.123  -3.787  3.492   1.00 21.88 ? 51   VAL A CG2 1 
ATOM   453 N  N   . ALA A 1 60 ? -0.377  -1.094  6.978   1.00 18.80 ? 52   ALA A N   1 
ATOM   454 C  CA  . ALA A 1 60 ? -0.464  -0.251  8.175   1.00 19.11 ? 52   ALA A CA  1 
ATOM   455 C  C   . ALA A 1 60 ? -0.678  1.212   7.797   1.00 19.81 ? 52   ALA A C   1 
ATOM   456 O  O   . ALA A 1 60 ? 0.029   1.737   6.927   1.00 19.59 ? 52   ALA A O   1 
ATOM   457 C  CB  . ALA A 1 60 ? 0.808   -0.394  9.000   1.00 19.47 ? 52   ALA A CB  1 
ATOM   458 N  N   . ASP A 1 61 ? -1.635  1.881   8.443   1.00 18.97 ? 53   ASP A N   1 
ATOM   459 C  CA  . ASP A 1 61 ? -1.887  3.277   8.104   1.00 18.09 ? 53   ASP A CA  1 
ATOM   460 C  C   . ASP A 1 61 ? -0.820  4.247   8.596   1.00 19.43 ? 53   ASP A C   1 
ATOM   461 O  O   . ASP A 1 61 ? -0.121  3.992   9.582   1.00 19.65 ? 53   ASP A O   1 
ATOM   462 C  CB  . ASP A 1 61 ? -3.311  3.723   8.522   1.00 18.49 ? 53   ASP A CB  1 
ATOM   463 C  CG  . ASP A 1 61 ? -3.643  3.466   9.996   1.00 17.02 ? 53   ASP A CG  1 
ATOM   464 O  OD1 . ASP A 1 61 ? -4.817  3.513   10.376  1.00 18.75 ? 53   ASP A OD1 1 
ATOM   465 O  OD2 . ASP A 1 61 ? -2.638  3.220   10.819  1.00 17.16 ? 53   ASP A OD2 1 
ATOM   466 N  N   . LYS A 1 62 ? -0.681  5.355   7.875   1.00 19.47 ? 54   LYS A N   1 
ATOM   467 C  CA  . LYS A 1 62 ? 0.332   6.356   8.183   1.00 18.85 ? 54   LYS A CA  1 
ATOM   468 C  C   . LYS A 1 62 ? -0.172  7.793   8.243   1.00 18.30 ? 54   LYS A C   1 
ATOM   469 O  O   . LYS A 1 62 ? 0.377   8.612   8.975   1.00 18.58 ? 54   LYS A O   1 
ATOM   470 C  CB  . LYS A 1 62 ? 1.455   6.271   7.144   1.00 22.36 ? 54   LYS A CB  1 
ATOM   471 C  CG  . LYS A 1 62 ? 2.262   4.983   7.199   1.00 28.91 ? 54   LYS A CG  1 
ATOM   472 C  CD  . LYS A 1 62 ? 3.615   5.203   7.857   1.00 33.94 ? 54   LYS A CD  1 
ATOM   473 C  CE  . LYS A 1 62 ? 3.477   5.733   9.269   1.00 36.51 ? 54   LYS A CE  1 
ATOM   474 N  NZ  . LYS A 1 62 ? 4.803   6.025   9.887   1.00 36.24 ? 54   LYS A NZ  1 
ATOM   475 N  N   . ALA A 1 63 ? -1.205  8.107   7.470   1.00 18.51 ? 55   ALA A N   1 
ATOM   476 C  CA  . ALA A 1 63 ? -1.732  9.467   7.462   1.00 18.34 ? 55   ALA A CA  1 
ATOM   477 C  C   . ALA A 1 63 ? -3.207  9.525   7.087   1.00 17.27 ? 55   ALA A C   1 
ATOM   478 O  O   . ALA A 1 63 ? -3.696  8.702   6.313   1.00 17.47 ? 55   ALA A O   1 
ATOM   479 C  CB  . ALA A 1 63 ? -0.917  10.334  6.503   1.00 18.20 ? 55   ALA A CB  1 
ATOM   480 N  N   . TYR A 1 64 ? -3.898  10.512  7.648   1.00 17.40 ? 56   TYR A N   1 
ATOM   481 C  CA  . TYR A 1 64 ? -5.320  10.729  7.400   1.00 16.50 ? 56   TYR A CA  1 
ATOM   482 C  C   . TYR A 1 64 ? -5.623  12.212  7.315   1.00 18.90 ? 56   TYR A C   1 
ATOM   483 O  O   . TYR A 1 64 ? -4.861  13.048  7.803   1.00 19.64 ? 56   TYR A O   1 
ATOM   484 C  CB  . TYR A 1 64 ? -6.165  10.195  8.557   1.00 17.96 ? 56   TYR A CB  1 
ATOM   485 C  CG  . TYR A 1 64 ? -6.300  8.704   8.633   1.00 15.91 ? 56   TYR A CG  1 
ATOM   486 C  CD1 . TYR A 1 64 ? -5.367  7.938   9.327   1.00 17.14 ? 56   TYR A CD1 1 
ATOM   487 C  CD2 . TYR A 1 64 ? -7.378  8.055   8.032   1.00 16.91 ? 56   TYR A CD2 1 
ATOM   488 C  CE1 . TYR A 1 64 ? -5.504  6.561   9.423   1.00 17.67 ? 56   TYR A CE1 1 
ATOM   489 C  CE2 . TYR A 1 64 ? -7.526  6.677   8.122   1.00 17.08 ? 56   TYR A CE2 1 
ATOM   490 C  CZ  . TYR A 1 64 ? -6.585  5.938   8.820   1.00 18.74 ? 56   TYR A CZ  1 
ATOM   491 O  OH  . TYR A 1 64 ? -6.724  4.576   8.916   1.00 18.50 ? 56   TYR A OH  1 
ATOM   492 N  N   . THR A 1 65 ? -6.755  12.519  6.700   1.00 18.37 ? 57   THR A N   1 
ATOM   493 C  CA  . THR A 1 65 ? -7.242  13.884  6.621   1.00 20.37 ? 57   THR A CA  1 
ATOM   494 C  C   . THR A 1 65 ? -8.568  13.819  7.370   1.00 19.93 ? 57   THR A C   1 
ATOM   495 O  O   . THR A 1 65 ? -9.357  12.894  7.159   1.00 20.34 ? 57   THR A O   1 
ATOM   496 C  CB  . THR A 1 65 ? -7.521  14.330  5.171   1.00 23.22 ? 57   THR A CB  1 
ATOM   497 O  OG1 . THR A 1 65 ? -6.285  14.443  4.454   1.00 28.62 ? 57   THR A OG1 1 
ATOM   498 C  CG2 . THR A 1 65 ? -8.225  15.686  5.161   1.00 26.69 ? 57   THR A CG2 1 
ATOM   499 N  N   . LEU A 1 66 ? -8.791  14.767  8.271   1.00 18.54 ? 58   LEU A N   1 
ATOM   500 C  CA  . LEU A 1 66 ? -10.039 14.832  9.022   1.00 19.58 ? 58   LEU A CA  1 
ATOM   501 C  C   . LEU A 1 66 ? -10.765 16.093  8.581   1.00 20.41 ? 58   LEU A C   1 
ATOM   502 O  O   . LEU A 1 66 ? -10.223 17.189  8.682   1.00 22.19 ? 58   LEU A O   1 
ATOM   503 C  CB  . LEU A 1 66 ? -9.777  14.900  10.531  1.00 21.22 ? 58   LEU A CB  1 
ATOM   504 C  CG  . LEU A 1 66 ? -9.771  13.608  11.352  1.00 25.23 ? 58   LEU A CG  1 
ATOM   505 C  CD1 . LEU A 1 66 ? -8.793  12.611  10.761  1.00 28.33 ? 58   LEU A CD1 1 
ATOM   506 C  CD2 . LEU A 1 66 ? -9.410  13.945  12.796  1.00 29.01 ? 58   LEU A CD2 1 
ATOM   507 N  N   . ASN A 1 67 ? -11.975 15.933  8.063   1.00 20.09 ? 59   ASN A N   1 
ATOM   508 C  CA  . ASN A 1 67 ? -12.766 17.080  7.640   1.00 20.04 ? 59   ASN A CA  1 
ATOM   509 C  C   . ASN A 1 67 ? -13.822 17.290  8.712   1.00 20.36 ? 59   ASN A C   1 
ATOM   510 O  O   . ASN A 1 67 ? -14.763 16.503  8.837   1.00 20.60 ? 59   ASN A O   1 
ATOM   511 C  CB  . ASN A 1 67 ? -13.424 16.819  6.284   1.00 23.44 ? 59   ASN A CB  1 
ATOM   512 C  CG  . ASN A 1 67 ? -12.412 16.715  5.160   1.00 27.91 ? 59   ASN A CG  1 
ATOM   513 O  OD1 . ASN A 1 67 ? -11.540 17.571  5.017   1.00 29.13 ? 59   ASN A OD1 1 
ATOM   514 N  ND2 . ASN A 1 67 ? -12.528 15.670  4.348   1.00 31.52 ? 59   ASN A ND2 1 
ATOM   515 N  N   . ILE A 1 68 ? -13.632 18.348  9.489   1.00 19.49 ? 60   ILE A N   1 
ATOM   516 C  CA  . ILE A 1 68 ? -14.519 18.699  10.593  1.00 19.77 ? 60   ILE A CA  1 
ATOM   517 C  C   . ILE A 1 68 ? -15.356 19.914  10.218  1.00 21.55 ? 60   ILE A C   1 
ATOM   518 O  O   . ILE A 1 68 ? -14.827 21.015  10.057  1.00 22.63 ? 60   ILE A O   1 
ATOM   519 C  CB  . ILE A 1 68 ? -13.690 19.015  11.855  1.00 20.26 ? 60   ILE A CB  1 
ATOM   520 C  CG1 . ILE A 1 68 ? -12.829 17.798  12.213  1.00 19.94 ? 60   ILE A CG1 1 
ATOM   521 C  CG2 . ILE A 1 68 ? -14.606 19.398  13.012  1.00 19.75 ? 60   ILE A CG2 1 
ATOM   522 C  CD1 . ILE A 1 68 ? -11.902 18.017  13.395  1.00 23.78 ? 60   ILE A CD1 1 
ATOM   523 N  N   . LYS A 1 69 ? -16.662 19.712  10.077  1.00 20.30 ? 61   LYS A N   1 
ATOM   524 C  CA  . LYS A 1 69 ? -17.549 20.806  9.707   1.00 21.52 ? 61   LYS A CA  1 
ATOM   525 C  C   . LYS A 1 69 ? -18.428 21.252  10.870  1.00 19.54 ? 61   LYS A C   1 
ATOM   526 O  O   . LYS A 1 69 ? -19.074 20.432  11.520  1.00 18.86 ? 61   LYS A O   1 
ATOM   527 C  CB  . LYS A 1 69 ? -18.428 20.393  8.522   1.00 25.43 ? 61   LYS A CB  1 
ATOM   528 C  CG  . LYS A 1 69 ? -19.227 21.548  7.933   1.00 32.99 ? 61   LYS A CG  1 
ATOM   529 C  CD  . LYS A 1 69 ? -19.790 21.204  6.563   1.00 38.52 ? 61   LYS A CD  1 
ATOM   530 C  CE  . LYS A 1 69 ? -20.447 22.424  5.926   1.00 41.00 ? 61   LYS A CE  1 
ATOM   531 N  NZ  . LYS A 1 69 ? -20.867 22.172  4.520   1.00 43.90 ? 61   LYS A NZ  1 
ATOM   532 N  N   . PHE A 1 70 ? -18.438 22.557  11.120  1.00 18.66 ? 62   PHE A N   1 
ATOM   533 C  CA  . PHE A 1 70 ? -19.237 23.147  12.194  1.00 19.78 ? 62   PHE A CA  1 
ATOM   534 C  C   . PHE A 1 70 ? -20.576 23.619  11.634  1.00 20.69 ? 62   PHE A C   1 
ATOM   535 O  O   . PHE A 1 70 ? -20.633 24.182  10.538  1.00 19.64 ? 62   PHE A O   1 
ATOM   536 C  CB  . PHE A 1 70 ? -18.481 24.323  12.814  1.00 19.60 ? 62   PHE A CB  1 
ATOM   537 C  CG  . PHE A 1 70 ? -17.305 23.911  13.643  1.00 21.33 ? 62   PHE A CG  1 
ATOM   538 C  CD1 . PHE A 1 70 ? -16.069 23.678  13.052  1.00 21.44 ? 62   PHE A CD1 1 
ATOM   539 C  CD2 . PHE A 1 70 ? -17.438 23.721  15.017  1.00 22.44 ? 62   PHE A CD2 1 
ATOM   540 C  CE1 . PHE A 1 70 ? -14.981 23.259  13.813  1.00 22.62 ? 62   PHE A CE1 1 
ATOM   541 C  CE2 . PHE A 1 70 ? -16.353 23.303  15.791  1.00 22.63 ? 62   PHE A CE2 1 
ATOM   542 C  CZ  . PHE A 1 70 ? -15.123 23.072  15.187  1.00 22.70 ? 62   PHE A CZ  1 
ATOM   543 N  N   . ALA A 1 71 ? -21.647 23.403  12.395  1.00 18.71 ? 63   ALA A N   1 
ATOM   544 C  CA  . ALA A 1 71 ? -22.992 23.772  11.955  1.00 19.91 ? 63   ALA A CA  1 
ATOM   545 C  C   . ALA A 1 71 ? -23.391 25.219  12.219  1.00 20.15 ? 63   ALA A C   1 
ATOM   546 O  O   . ALA A 1 71 ? -24.264 25.755  11.538  1.00 21.49 ? 63   ALA A O   1 
ATOM   547 C  CB  . ALA A 1 71 ? -24.011 22.834  12.594  1.00 20.23 ? 63   ALA A CB  1 
ATOM   548 N  N   . GLY A 1 72 ? -22.765 25.844  13.210  1.00 20.51 ? 64   GLY A N   1 
ATOM   549 C  CA  . GLY A 1 72 ? -23.084 27.224  13.535  1.00 20.82 ? 64   GLY A CA  1 
ATOM   550 C  C   . GLY A 1 72 ? -24.273 27.359  14.470  1.00 21.55 ? 64   GLY A C   1 
ATOM   551 O  O   . GLY A 1 72 ? -24.941 26.344  14.752  1.00 20.58 ? 64   GLY A O   1 
ATOM   552 O  OXT . GLY A 1 72 ? -24.534 28.490  14.926  1.00 19.31 ? 64   GLY A OXT 1 
HETATM 553 ZN ZN  . ZN  B 2 .  ? -9.129  -4.056  12.643  1.00 22.10 ? 1001 ZN  A ZN  1 
HETATM 554 ZN ZN  . ZN  C 2 .  ? -1.675  -5.093  10.087  1.00 23.12 ? 1002 ZN  A ZN  1 
HETATM 555 ZN ZN  . ZN  D 2 .  ? -10.286 3.621   -2.395  1.00 20.73 ? 1003 ZN  A ZN  1 
HETATM 556 O  O   . HOH E 3 .  ? 8.037   -19.455 -1.108  1.00 18.62 ? 2001 HOH A O   1 
HETATM 557 O  O   . HOH E 3 .  ? -6.423  1.155   9.479   1.00 20.72 ? 2002 HOH A O   1 
HETATM 558 O  O   . HOH E 3 .  ? -10.702 6.288   4.405   1.00 19.40 ? 2003 HOH A O   1 
HETATM 559 O  O   . HOH E 3 .  ? 13.220  -14.151 -0.634  1.00 27.91 ? 2004 HOH A O   1 
HETATM 560 O  O   . HOH E 3 .  ? -13.939 0.690   0.482   1.00 20.46 ? 2005 HOH A O   1 
HETATM 561 O  O   . HOH E 3 .  ? -2.744  -6.593  6.013   1.00 28.49 ? 2006 HOH A O   1 
HETATM 562 O  O   . HOH E 3 .  ? -11.518 2.166   7.320   1.00 25.49 ? 2007 HOH A O   1 
HETATM 563 O  O   . HOH E 3 .  ? 1.475   2.381   11.221  1.00 34.64 ? 2008 HOH A O   1 
HETATM 564 O  O   . HOH E 3 .  ? -1.174  1.528   12.193  1.00 20.54 ? 2009 HOH A O   1 
HETATM 565 O  O   . HOH E 3 .  ? -12.660 -0.669  -1.746  1.00 30.95 ? 2010 HOH A O   1 
HETATM 566 O  O   . HOH E 3 .  ? 1.931   4.474   -8.843  1.00 40.48 ? 2011 HOH A O   1 
HETATM 567 O  O   . HOH E 3 .  ? -13.477 1.237   -4.828  1.00 38.40 ? 2012 HOH A O   1 
HETATM 568 O  O   . HOH E 3 .  ? -25.490 28.091  10.943  1.00 28.39 ? 2013 HOH A O   1 
HETATM 569 O  O   . HOH E 3 .  ? 3.432   -2.874  -10.763 1.00 35.03 ? 2014 HOH A O   1 
HETATM 570 O  O   . HOH E 3 .  ? -5.223  -1.287  7.826   1.00 37.79 ? 2015 HOH A O   1 
HETATM 571 O  O   . HOH E 3 .  ? -4.753  -4.431  0.345   1.00 54.10 ? 2016 HOH A O   1 
HETATM 572 O  O   . HOH E 3 .  ? -0.698  -11.686 2.897   1.00 33.10 ? 2017 HOH A O   1 
HETATM 573 O  O   . HOH E 3 .  ? -1.433  -16.770 -2.716  1.00 52.73 ? 2018 HOH A O   1 
HETATM 574 O  O   . HOH E 3 .  ? -3.665  -7.163  1.780   1.00 51.53 ? 2019 HOH A O   1 
HETATM 575 O  O   . HOH E 3 .  ? 12.398  -0.675  -5.618  1.00 54.25 ? 2020 HOH A O   1 
HETATM 576 O  O   . HOH E 3 .  ? 11.386  4.329   -1.702  1.00 46.95 ? 2021 HOH A O   1 
HETATM 577 O  O   . HOH E 3 .  ? -10.248 -2.046  -0.745  1.00 47.04 ? 2022 HOH A O   1 
HETATM 578 O  O   . HOH E 3 .  ? 14.501  -1.139  3.940   1.00 49.28 ? 2023 HOH A O   1 
HETATM 579 O  O   . HOH E 3 .  ? 2.492   -14.815 -2.901  1.00 36.40 ? 2024 HOH A O   1 
HETATM 580 O  O   . HOH E 3 .  ? -12.188 -4.471  3.376   1.00 38.70 ? 2025 HOH A O   1 
HETATM 581 O  O   . HOH E 3 .  ? 15.121  -14.868 7.399   1.00 60.23 ? 2026 HOH A O   1 
HETATM 582 O  O   . HOH E 3 .  ? 21.094  -9.427  5.120   1.00 50.95 ? 2027 HOH A O   1 
HETATM 583 O  O   . HOH E 3 .  ? 7.412   2.595   -8.053  1.00 46.17 ? 2028 HOH A O   1 
HETATM 584 O  O   . HOH E 3 .  ? 3.890   2.178   -10.884 1.00 55.44 ? 2029 HOH A O   1 
HETATM 585 O  O   . HOH E 3 .  ? -2.607  -9.349  -1.243  1.00 51.24 ? 2030 HOH A O   1 
HETATM 586 O  O   . HOH E 3 .  ? -2.150  -6.835  -8.556  1.00 34.65 ? 2031 HOH A O   1 
HETATM 587 O  O   . HOH E 3 .  ? 1.161   -13.844 -5.075  1.00 39.50 ? 2032 HOH A O   1 
HETATM 588 O  O   . HOH E 3 .  ? 3.876   3.894   11.647  1.00 45.62 ? 2033 HOH A O   1 
HETATM 589 O  O   . HOH E 3 .  ? -1.171  10.957  -0.323  1.00 41.14 ? 2034 HOH A O   1 
HETATM 590 O  O   . HOH E 3 .  ? 3.204   -3.771  9.712   1.00 47.17 ? 2035 HOH A O   1 
HETATM 591 O  O   . HOH E 3 .  ? -6.358  -1.460  5.280   1.00 43.47 ? 2036 HOH A O   1 
HETATM 592 O  O   . HOH E 3 .  ? 5.317   -18.760 -5.653  1.00 48.75 ? 2037 HOH A O   1 
HETATM 593 O  O   . HOH E 3 .  ? 0.563   -10.045 -11.130 1.00 54.63 ? 2038 HOH A O   1 
HETATM 594 O  O   . HOH E 3 .  ? 14.664  -10.961 -7.582  1.00 52.28 ? 2039 HOH A O   1 
HETATM 595 O  O   . HOH E 3 .  ? -16.895 15.416  4.680   1.00 54.43 ? 2040 HOH A O   1 
HETATM 596 O  O   . HOH E 3 .  ? -9.231  2.790   -8.461  1.00 37.77 ? 2041 HOH A O   1 
HETATM 597 O  O   . HOH E 3 .  ? 6.268   3.474   9.390   1.00 56.43 ? 2042 HOH A O   1 
HETATM 598 O  O   . HOH E 3 .  ? -24.669 25.036  8.973   1.00 49.63 ? 2043 HOH A O   1 
HETATM 599 O  O   . HOH E 3 .  ? -19.743 5.937   4.369   1.00 47.52 ? 2044 HOH A O   1 
HETATM 600 O  O   . HOH E 3 .  ? 1.992   -6.479  12.463  1.00 47.02 ? 2045 HOH A O   1 
HETATM 601 O  O   . HOH E 3 .  ? 3.543   -0.299  -11.776 1.00 56.29 ? 2046 HOH A O   1 
HETATM 602 O  O   . HOH E 3 .  ? 4.994   -4.666  -12.138 1.00 45.09 ? 2047 HOH A O   1 
HETATM 603 O  O   . HOH E 3 .  ? -14.995 16.344  3.110   1.00 62.73 ? 2048 HOH A O   1 
HETATM 604 O  O   . HOH E 3 .  ? -12.984 16.784  0.819   1.00 57.54 ? 2049 HOH A O   1 
HETATM 605 O  O   . HOH E 3 .  ? -8.949  3.422   8.094   1.00 47.77 ? 2050 HOH A O   1 
HETATM 606 O  O   . HOH E 3 .  ? 5.891   -14.569 3.871   1.00 34.15 ? 2051 HOH A O   1 
HETATM 607 O  O   . HOH E 3 .  ? 0.908   -15.926 0.217   1.00 51.31 ? 2052 HOH A O   1 
HETATM 608 O  O   . HOH E 3 .  ? 11.595  -13.056 -10.084 1.00 47.08 ? 2053 HOH A O   1 
HETATM 609 O  O   . HOH E 3 .  ? -17.265 16.409  7.676   1.00 43.57 ? 2054 HOH A O   1 
HETATM 610 O  O   . HOH E 3 .  ? 15.422  -0.654  1.264   0.50 41.34 ? 2055 HOH A O   1 
HETATM 611 O  O   . HOH E 3 .  ? -1.574  -6.627  11.589  1.00 23.07 ? 2056 HOH A O   1 
HETATM 612 O  O   . HOH E 3 .  ? -5.785  -4.216  -4.019  1.00 54.98 ? 2057 HOH A O   1 
HETATM 613 O  O   . HOH E 3 .  ? -2.065  13.758  6.742   1.00 41.39 ? 2058 HOH A O   1 
HETATM 614 O  O   . HOH E 3 .  ? 15.231  -15.852 -1.982  1.00 50.45 ? 2059 HOH A O   1 
HETATM 615 O  O   . HOH E 3 .  ? 16.603  -13.778 -0.186  1.00 41.14 ? 2060 HOH A O   1 
HETATM 616 O  O   . HOH E 3 .  ? -24.438 30.425  10.856  1.00 51.71 ? 2061 HOH A O   1 
HETATM 617 O  O   . HOH E 3 .  ? -23.619 30.781  13.498  1.00 48.59 ? 2062 HOH A O   1 
HETATM 618 O  O   . HOH E 3 .  ? -2.393  12.900  -1.865  1.00 49.49 ? 2063 HOH A O   1 
HETATM 619 O  O   . HOH E 3 .  ? 1.978   -18.814 -6.359  1.00 51.72 ? 2064 HOH A O   1 
HETATM 620 O  O   . HOH E 3 .  ? -17.051 7.194   1.805   1.00 42.73 ? 2065 HOH A O   1 
HETATM 621 O  O   . HOH E 3 .  ? 2.851   -9.143  -12.047 1.00 41.38 ? 2066 HOH A O   1 
HETATM 622 O  O   . HOH E 3 .  ? 3.791   -11.865 -12.938 1.00 49.65 ? 2067 HOH A O   1 
HETATM 623 O  O   . HOH E 3 .  ? 17.683  -16.696 0.851   1.00 52.76 ? 2068 HOH A O   1 
# 
loop_
_pdbx_poly_seq_scheme.asym_id 
_pdbx_poly_seq_scheme.entity_id 
_pdbx_poly_seq_scheme.seq_id 
_pdbx_poly_seq_scheme.mon_id 
_pdbx_poly_seq_scheme.ndb_seq_num 
_pdbx_poly_seq_scheme.pdb_seq_num 
_pdbx_poly_seq_scheme.auth_seq_num 
_pdbx_poly_seq_scheme.pdb_mon_id 
_pdbx_poly_seq_scheme.auth_mon_id 
_pdbx_poly_seq_scheme.pdb_strand_id 
_pdbx_poly_seq_scheme.pdb_ins_code 
_pdbx_poly_seq_scheme.hetero 
A 1 1  MET 1  -7 -7 MET MET A . n 
A 1 2  HIS 2  -6 -6 HIS HIS A . n 
A 1 3  HIS 3  -5 -5 HIS HIS A . n 
A 1 4  HIS 4  -4 -4 HIS HIS A . n 
A 1 5  HIS 5  -3 -3 HIS HIS A . n 
A 1 6  HIS 6  -2 -2 HIS HIS A . n 
A 1 7  HIS 7  -1 -1 HIS HIS A . n 
A 1 8  ALA 8  0  0  ALA ALA A . n 
A 1 9  MET 9  1  1  MET MET A . n 
A 1 10 GLU 10 2  2  GLU GLU A . n 
A 1 11 GLU 11 3  3  GLU ALA A . n 
A 1 12 VAL 12 4  4  VAL VAL A . n 
A 1 13 THR 13 5  5  THR THR A . n 
A 1 14 ILE 14 6  6  ILE ILE A . n 
A 1 15 LYS 15 7  7  LYS LYS A . n 
A 1 16 ALA 16 8  8  ALA ALA A . n 
A 1 17 ASN 17 9  9  ASN ASN A . n 
A 1 18 LEU 18 10 10 LEU LEU A . n 
A 1 19 ILE 19 11 11 ILE ILE A . n 
A 1 20 PHE 20 12 12 PHE PHE A . n 
A 1 21 ALA 21 13 13 ALA ALA A . n 
A 1 22 ASN 22 14 14 ASN ASN A . n 
A 1 23 GLY 23 15 15 GLY GLY A . n 
A 1 24 SER 24 16 16 SER SER A . n 
A 1 25 THR 25 17 17 THR THR A . n 
A 1 26 GLN 26 18 18 GLN GLN A . n 
A 1 27 THR 27 19 19 THR THR A . n 
A 1 28 ALA 28 20 20 ALA ALA A . n 
A 1 29 GLU 29 21 21 GLU GLU A . n 
A 1 30 PHE 30 22 22 PHE PHE A . n 
A 1 31 LYS 31 23 23 LYS ALA A . n 
A 1 32 GLY 32 24 24 GLY GLY A . n 
A 1 33 THR 33 25 25 THR THR A . n 
A 1 34 PHE 34 26 26 PHE PHE A . n 
A 1 35 GLU 35 27 27 GLU GLU A . n 
A 1 36 LYS 36 28 28 LYS LYS A . n 
A 1 37 ALA 37 29 29 ALA ALA A . n 
A 1 38 THR 38 30 30 THR THR A . n 
A 1 39 SER 39 31 31 SER SER A . n 
A 1 40 GLU 40 32 32 GLU GLU A . n 
A 1 41 ALA 41 33 33 ALA ALA A . n 
A 1 42 TYR 42 34 34 TYR TYR A . n 
A 1 43 ALA 43 35 35 ALA ALA A . n 
A 1 44 TYR 44 36 36 TYR TYR A . n 
A 1 45 ALA 45 37 37 ALA ALA A . n 
A 1 46 ASP 46 38 38 ASP ASP A . n 
A 1 47 THR 47 39 39 THR THR A . n 
A 1 48 LEU 48 40 40 LEU LEU A . n 
A 1 49 LYS 49 41 41 LYS LYS A . n 
A 1 50 LYS 50 42 42 LYS ALA A . n 
A 1 51 ASP 51 43 43 ASP ASP A . n 
A 1 52 ASN 52 44 44 ASN ASN A . n 
A 1 53 GLY 53 45 45 GLY GLY A . n 
A 1 54 GLU 54 46 46 GLU GLU A . n 
A 1 55 TRP 55 47 47 TRP TRP A . n 
A 1 56 THR 56 48 48 THR THR A . n 
A 1 57 VAL 57 49 49 VAL VAL A . n 
A 1 58 ASP 58 50 50 ASP ASP A . n 
A 1 59 VAL 59 51 51 VAL VAL A . n 
A 1 60 ALA 60 52 52 ALA ALA A . n 
A 1 61 ASP 61 53 53 ASP ASP A . n 
A 1 62 LYS 62 54 54 LYS LYS A . n 
A 1 63 ALA 63 55 55 ALA ALA A . n 
A 1 64 TYR 64 56 56 TYR TYR A . n 
A 1 65 THR 65 57 57 THR THR A . n 
A 1 66 LEU 66 58 58 LEU LEU A . n 
A 1 67 ASN 67 59 59 ASN ASN A . n 
A 1 68 ILE 68 60 60 ILE ILE A . n 
A 1 69 LYS 69 61 61 LYS LYS A . n 
A 1 70 PHE 70 62 62 PHE PHE A . n 
A 1 71 ALA 71 63 63 ALA ALA A . n 
A 1 72 GLY 72 64 64 GLY GLY A . n 
# 
loop_
_pdbx_nonpoly_scheme.asym_id 
_pdbx_nonpoly_scheme.entity_id 
_pdbx_nonpoly_scheme.mon_id 
_pdbx_nonpoly_scheme.ndb_seq_num 
_pdbx_nonpoly_scheme.pdb_seq_num 
_pdbx_nonpoly_scheme.auth_seq_num 
_pdbx_nonpoly_scheme.pdb_mon_id 
_pdbx_nonpoly_scheme.auth_mon_id 
_pdbx_nonpoly_scheme.pdb_strand_id 
_pdbx_nonpoly_scheme.pdb_ins_code 
B 2 ZN  1  1001 1001 ZN  ZN  A . 
C 2 ZN  1  1002 1002 ZN  ZN  A . 
D 2 ZN  1  1003 1003 ZN  ZN  A . 
E 3 HOH 1  2001 2001 HOH HOH A . 
E 3 HOH 2  2002 2002 HOH HOH A . 
E 3 HOH 3  2003 2003 HOH HOH A . 
E 3 HOH 4  2004 2004 HOH HOH A . 
E 3 HOH 5  2005 2005 HOH HOH A . 
E 3 HOH 6  2006 2006 HOH HOH A . 
E 3 HOH 7  2007 2007 HOH HOH A . 
E 3 HOH 8  2008 2008 HOH HOH A . 
E 3 HOH 9  2009 2009 HOH HOH A . 
E 3 HOH 10 2010 2010 HOH HOH A . 
E 3 HOH 11 2011 2011 HOH HOH A . 
E 3 HOH 12 2012 2012 HOH HOH A . 
E 3 HOH 13 2013 2013 HOH HOH A . 
E 3 HOH 14 2014 2014 HOH HOH A . 
E 3 HOH 15 2015 2015 HOH HOH A . 
E 3 HOH 16 2016 2016 HOH HOH A . 
E 3 HOH 17 2017 2017 HOH HOH A . 
E 3 HOH 18 2018 2018 HOH HOH A . 
E 3 HOH 19 2019 2019 HOH HOH A . 
E 3 HOH 20 2020 2020 HOH HOH A . 
E 3 HOH 21 2021 2021 HOH HOH A . 
E 3 HOH 22 2022 2022 HOH HOH A . 
E 3 HOH 23 2023 2023 HOH HOH A . 
E 3 HOH 24 2024 2024 HOH HOH A . 
E 3 HOH 25 2025 2025 HOH HOH A . 
E 3 HOH 26 2026 2026 HOH HOH A . 
E 3 HOH 27 2027 2027 HOH HOH A . 
E 3 HOH 28 2028 2028 HOH HOH A . 
E 3 HOH 29 2029 2029 HOH HOH A . 
E 3 HOH 30 2030 2030 HOH HOH A . 
E 3 HOH 31 2031 2031 HOH HOH A . 
E 3 HOH 32 2032 2032 HOH HOH A . 
E 3 HOH 33 2033 2033 HOH HOH A . 
E 3 HOH 34 2034 2034 HOH HOH A . 
E 3 HOH 35 2035 2035 HOH HOH A . 
E 3 HOH 36 2036 2036 HOH HOH A . 
E 3 HOH 37 2037 2037 HOH HOH A . 
E 3 HOH 38 2038 2038 HOH HOH A . 
E 3 HOH 39 2039 2039 HOH HOH A . 
E 3 HOH 40 2040 2040 HOH HOH A . 
E 3 HOH 41 2041 2041 HOH HOH A . 
E 3 HOH 42 2042 2042 HOH HOH A . 
E 3 HOH 43 2043 2043 HOH HOH A . 
E 3 HOH 44 2044 2044 HOH HOH A . 
E 3 HOH 45 2045 2045 HOH HOH A . 
E 3 HOH 46 2046 2046 HOH HOH A . 
E 3 HOH 47 2047 2047 HOH HOH A . 
E 3 HOH 48 2048 2048 HOH HOH A . 
E 3 HOH 49 2049 2049 HOH HOH A . 
E 3 HOH 50 2050 2050 HOH HOH A . 
E 3 HOH 51 2051 2051 HOH HOH A . 
E 3 HOH 52 2052 2052 HOH HOH A . 
E 3 HOH 53 2053 2053 HOH HOH A . 
E 3 HOH 54 2054 2054 HOH HOH A . 
E 3 HOH 55 2055 2055 HOH HOH A . 
E 3 HOH 56 2056 2056 HOH HOH A . 
E 3 HOH 57 2057 2057 HOH HOH A . 
E 3 HOH 58 2058 2058 HOH HOH A . 
E 3 HOH 59 2059 2059 HOH HOH A . 
E 3 HOH 60 2060 2060 HOH HOH A . 
E 3 HOH 61 2061 2061 HOH HOH A . 
E 3 HOH 62 2062 2062 HOH HOH A . 
E 3 HOH 63 2063 2063 HOH HOH A . 
E 3 HOH 64 2064 2064 HOH HOH A . 
E 3 HOH 65 2065 2065 HOH HOH A . 
E 3 HOH 66 2066 2066 HOH HOH A . 
E 3 HOH 67 2067 2067 HOH HOH A . 
E 3 HOH 68 2068 2068 HOH HOH A . 
# 
_pdbx_struct_assembly.id                   1 
_pdbx_struct_assembly.details              author_and_software_defined_assembly 
_pdbx_struct_assembly.method_details       PISA,PQS 
_pdbx_struct_assembly.oligomeric_details   dimeric 
_pdbx_struct_assembly.oligomeric_count     2 
# 
_pdbx_struct_assembly_gen.assembly_id       1 
_pdbx_struct_assembly_gen.oper_expression   1,2 
_pdbx_struct_assembly_gen.asym_id_list      A,B,C,D,E 
# 
loop_
_pdbx_struct_assembly_prop.biol_id 
_pdbx_struct_assembly_prop.type 
_pdbx_struct_assembly_prop.value 
_pdbx_struct_assembly_prop.details 
1 'ABSA (A^2)' 5230 ? 
1 MORE         -164 ? 
1 'SSA (A^2)'  7770 ? 
# 
loop_
_pdbx_struct_oper_list.id 
_pdbx_struct_oper_list.type 
_pdbx_struct_oper_list.name 
_pdbx_struct_oper_list.symmetry_operation 
_pdbx_struct_oper_list.matrix[1][1] 
_pdbx_struct_oper_list.matrix[1][2] 
_pdbx_struct_oper_list.matrix[1][3] 
_pdbx_struct_oper_list.vector[1] 
_pdbx_struct_oper_list.matrix[2][1] 
_pdbx_struct_oper_list.matrix[2][2] 
_pdbx_struct_oper_list.matrix[2][3] 
_pdbx_struct_oper_list.vector[2] 
_pdbx_struct_oper_list.matrix[3][1] 
_pdbx_struct_oper_list.matrix[3][2] 
_pdbx_struct_oper_list.matrix[3][3] 
_pdbx_struct_oper_list.vector[3] 
1 'identity operation'         1_555 x,y,z       1.0000000000 0.0000000000 0.0000000000  0.0000000000  0.0000000000 1.0000000000  0.0000000000  0.0000000000  0.0000000000  0.0000000000  1.0000000000  0.0000000000  
2 'crystal symmetry operation' 3_555 -x,y,-z+1/2 0.0670257336 0.9396793129 -0.3354256102 -7.2644683964 0.9396793129 -0.1724686826 -0.2953935383 12.5805552489 -0.3354256102 -0.2953935383 -0.8945570511 12.1347704783 
# 
_pdbx_struct_special_symmetry.id              1 
_pdbx_struct_special_symmetry.PDB_model_num   1 
_pdbx_struct_special_symmetry.auth_asym_id    A 
_pdbx_struct_special_symmetry.auth_comp_id    HOH 
_pdbx_struct_special_symmetry.auth_seq_id     2055 
_pdbx_struct_special_symmetry.PDB_ins_code    ? 
_pdbx_struct_special_symmetry.label_asym_id   E 
_pdbx_struct_special_symmetry.label_comp_id   HOH 
_pdbx_struct_special_symmetry.label_seq_id    . 
# 
loop_
_pdbx_struct_conn_angle.id 
_pdbx_struct_conn_angle.ptnr1_label_atom_id 
_pdbx_struct_conn_angle.ptnr1_label_alt_id 
_pdbx_struct_conn_angle.ptnr1_label_asym_id 
_pdbx_struct_conn_angle.ptnr1_label_comp_id 
_pdbx_struct_conn_angle.ptnr1_label_seq_id 
_pdbx_struct_conn_angle.ptnr1_auth_atom_id 
_pdbx_struct_conn_angle.ptnr1_auth_asym_id 
_pdbx_struct_conn_angle.ptnr1_auth_comp_id 
_pdbx_struct_conn_angle.ptnr1_auth_seq_id 
_pdbx_struct_conn_angle.ptnr1_PDB_ins_code 
_pdbx_struct_conn_angle.ptnr1_symmetry 
_pdbx_struct_conn_angle.ptnr2_label_atom_id 
_pdbx_struct_conn_angle.ptnr2_label_alt_id 
_pdbx_struct_conn_angle.ptnr2_label_asym_id 
_pdbx_struct_conn_angle.ptnr2_label_comp_id 
_pdbx_struct_conn_angle.ptnr2_label_seq_id 
_pdbx_struct_conn_angle.ptnr2_auth_atom_id 
_pdbx_struct_conn_angle.ptnr2_auth_asym_id 
_pdbx_struct_conn_angle.ptnr2_auth_comp_id 
_pdbx_struct_conn_angle.ptnr2_auth_seq_id 
_pdbx_struct_conn_angle.ptnr2_PDB_ins_code 
_pdbx_struct_conn_angle.ptnr2_symmetry 
_pdbx_struct_conn_angle.ptnr3_label_atom_id 
_pdbx_struct_conn_angle.ptnr3_label_alt_id 
_pdbx_struct_conn_angle.ptnr3_label_asym_id 
_pdbx_struct_conn_angle.ptnr3_label_comp_id 
_pdbx_struct_conn_angle.ptnr3_label_seq_id 
_pdbx_struct_conn_angle.ptnr3_auth_atom_id 
_pdbx_struct_conn_angle.ptnr3_auth_asym_id 
_pdbx_struct_conn_angle.ptnr3_auth_comp_id 
_pdbx_struct_conn_angle.ptnr3_auth_seq_id 
_pdbx_struct_conn_angle.ptnr3_PDB_ins_code 
_pdbx_struct_conn_angle.ptnr3_symmetry 
_pdbx_struct_conn_angle.value 
_pdbx_struct_conn_angle.value_esd 
1  O   ? A MET 1  ? A MET -7 ? 1_555 ZN ? B ZN . ? A ZN 1001 ? 1_555 N   ? A MET 1  ? A MET -7   ? 1_555 71.4  ? 
2  O   ? A MET 1  ? A MET -7 ? 1_555 ZN ? B ZN . ? A ZN 1001 ? 1_555 NE2 ? A HIS 3  ? A HIS -5   ? 3_555 91.4  ? 
3  N   ? A MET 1  ? A MET -7 ? 1_555 ZN ? B ZN . ? A ZN 1001 ? 1_555 NE2 ? A HIS 3  ? A HIS -5   ? 3_555 121.9 ? 
4  O   ? A MET 1  ? A MET -7 ? 1_555 ZN ? B ZN . ? A ZN 1001 ? 1_555 ND1 ? A HIS 5  ? A HIS -3   ? 3_555 87.7  ? 
5  N   ? A MET 1  ? A MET -7 ? 1_555 ZN ? B ZN . ? A ZN 1001 ? 1_555 ND1 ? A HIS 5  ? A HIS -3   ? 3_555 105.8 ? 
6  NE2 ? A HIS 3  ? A HIS -5 ? 3_555 ZN ? B ZN . ? A ZN 1001 ? 1_555 ND1 ? A HIS 5  ? A HIS -3   ? 3_555 129.1 ? 
7  O   ? A MET 1  ? A MET -7 ? 1_555 ZN ? B ZN . ? A ZN 1001 ? 1_555 OXT ? A GLY 72 ? A GLY 64   ? 6_554 162.0 ? 
8  N   ? A MET 1  ? A MET -7 ? 1_555 ZN ? B ZN . ? A ZN 1001 ? 1_555 OXT ? A GLY 72 ? A GLY 64   ? 6_554 91.9  ? 
9  NE2 ? A HIS 3  ? A HIS -5 ? 3_555 ZN ? B ZN . ? A ZN 1001 ? 1_555 OXT ? A GLY 72 ? A GLY 64   ? 6_554 92.0  ? 
10 ND1 ? A HIS 5  ? A HIS -3 ? 3_555 ZN ? B ZN . ? A ZN 1001 ? 1_555 OXT ? A GLY 72 ? A GLY 64   ? 6_554 103.6 ? 
11 NE2 ? A HIS 2  ? A HIS -6 ? 1_555 ZN ? C ZN . ? A ZN 1002 ? 1_555 NE2 ? A HIS 7  ? A HIS -1   ? 3_555 117.0 ? 
12 NE2 ? A HIS 2  ? A HIS -6 ? 1_555 ZN ? C ZN . ? A ZN 1002 ? 1_555 OD1 ? A ASP 58 ? A ASP 50   ? 1_555 106.5 ? 
13 NE2 ? A HIS 7  ? A HIS -1 ? 3_555 ZN ? C ZN . ? A ZN 1002 ? 1_555 OD1 ? A ASP 58 ? A ASP 50   ? 1_555 123.7 ? 
14 NE2 ? A HIS 2  ? A HIS -6 ? 1_555 ZN ? C ZN . ? A ZN 1002 ? 1_555 O   ? E HOH .  ? A HOH 2056 ? 1_555 99.1  ? 
15 NE2 ? A HIS 7  ? A HIS -1 ? 3_555 ZN ? C ZN . ? A ZN 1002 ? 1_555 O   ? E HOH .  ? A HOH 2056 ? 1_555 103.6 ? 
16 OD1 ? A ASP 58 ? A ASP 50 ? 1_555 ZN ? C ZN . ? A ZN 1002 ? 1_555 O   ? E HOH .  ? A HOH 2056 ? 1_555 102.7 ? 
17 NE2 ? A HIS 4  ? A HIS -4 ? 1_555 ZN ? D ZN . ? A ZN 1003 ? 1_555 ND1 ? A HIS 6  ? A HIS -2   ? 1_555 129.5 ? 
18 NE2 ? A HIS 4  ? A HIS -4 ? 1_555 ZN ? D ZN . ? A ZN 1003 ? 1_555 OE2 ? A GLU 10 ? A GLU 2    ? 1_555 104.8 ? 
19 ND1 ? A HIS 6  ? A HIS -2 ? 1_555 ZN ? D ZN . ? A ZN 1003 ? 1_555 OE2 ? A GLU 10 ? A GLU 2    ? 1_555 100.7 ? 
20 NE2 ? A HIS 4  ? A HIS -4 ? 1_555 ZN ? D ZN . ? A ZN 1003 ? 1_555 OE2 ? A GLU 35 ? A GLU 27   ? 1_555 91.8  ? 
21 ND1 ? A HIS 6  ? A HIS -2 ? 1_555 ZN ? D ZN . ? A ZN 1003 ? 1_555 OE2 ? A GLU 35 ? A GLU 27   ? 1_555 88.0  ? 
22 OE2 ? A GLU 10 ? A GLU 2  ? 1_555 ZN ? D ZN . ? A ZN 1003 ? 1_555 OE2 ? A GLU 35 ? A GLU 27   ? 1_555 148.8 ? 
23 NE2 ? A HIS 4  ? A HIS -4 ? 1_555 ZN ? D ZN . ? A ZN 1003 ? 1_555 OE1 ? A GLU 35 ? A GLU 27   ? 1_555 110.1 ? 
24 ND1 ? A HIS 6  ? A HIS -2 ? 1_555 ZN ? D ZN . ? A ZN 1003 ? 1_555 OE1 ? A GLU 35 ? A GLU 27   ? 1_555 109.3 ? 
25 OE2 ? A GLU 10 ? A GLU 2  ? 1_555 ZN ? D ZN . ? A ZN 1003 ? 1_555 OE1 ? A GLU 35 ? A GLU 27   ? 1_555 96.4  ? 
26 OE2 ? A GLU 35 ? A GLU 27 ? 1_555 ZN ? D ZN . ? A ZN 1003 ? 1_555 OE1 ? A GLU 35 ? A GLU 27   ? 1_555 52.7  ? 
# 
loop_
_pdbx_audit_revision_history.ordinal 
_pdbx_audit_revision_history.data_content_type 
_pdbx_audit_revision_history.major_revision 
_pdbx_audit_revision_history.minor_revision 
_pdbx_audit_revision_history.revision_date 
1 'Structure model' 1 0 2001-12-05 
2 'Structure model' 1 1 2008-04-27 
3 'Structure model' 1 2 2011-07-13 
4 'Structure model' 1 3 2021-10-27 
5 'Structure model' 1 4 2023-08-16 
# 
_pdbx_audit_revision_details.ordinal             1 
_pdbx_audit_revision_details.revision_ordinal    1 
_pdbx_audit_revision_details.data_content_type   'Structure model' 
_pdbx_audit_revision_details.provider            repository 
_pdbx_audit_revision_details.type                'Initial release' 
_pdbx_audit_revision_details.description         ? 
_pdbx_audit_revision_details.details             ? 
# 
loop_
_pdbx_audit_revision_group.ordinal 
_pdbx_audit_revision_group.revision_ordinal 
_pdbx_audit_revision_group.data_content_type 
_pdbx_audit_revision_group.group 
1 2 'Structure model' 'Version format compliance' 
2 3 'Structure model' 'Derived calculations'      
3 3 'Structure model' 'Source and taxonomy'       
4 3 'Structure model' 'Version format compliance' 
5 4 'Structure model' 'Database references'       
6 4 'Structure model' 'Derived calculations'      
7 4 'Structure model' 'Refinement description'    
8 5 'Structure model' 'Data collection'           
9 5 'Structure model' 'Refinement description'    
# 
loop_
_pdbx_audit_revision_category.ordinal 
_pdbx_audit_revision_category.revision_ordinal 
_pdbx_audit_revision_category.data_content_type 
_pdbx_audit_revision_category.category 
1 4 'Structure model' database_2                    
2 4 'Structure model' pdbx_struct_conn_angle        
3 4 'Structure model' software                      
4 4 'Structure model' struct_conn                   
5 4 'Structure model' struct_ref_seq_dif            
6 4 'Structure model' struct_site                   
7 5 'Structure model' chem_comp_atom                
8 5 'Structure model' chem_comp_bond                
9 5 'Structure model' pdbx_initial_refinement_model 
# 
loop_
_pdbx_audit_revision_item.ordinal 
_pdbx_audit_revision_item.revision_ordinal 
_pdbx_audit_revision_item.data_content_type 
_pdbx_audit_revision_item.item 
1  4 'Structure model' '_database_2.pdbx_DOI'                        
2  4 'Structure model' '_database_2.pdbx_database_accession'         
3  4 'Structure model' '_pdbx_struct_conn_angle.ptnr1_auth_comp_id'  
4  4 'Structure model' '_pdbx_struct_conn_angle.ptnr1_auth_seq_id'   
5  4 'Structure model' '_pdbx_struct_conn_angle.ptnr1_label_asym_id' 
6  4 'Structure model' '_pdbx_struct_conn_angle.ptnr1_label_atom_id' 
7  4 'Structure model' '_pdbx_struct_conn_angle.ptnr1_label_comp_id' 
8  4 'Structure model' '_pdbx_struct_conn_angle.ptnr1_label_seq_id'  
9  4 'Structure model' '_pdbx_struct_conn_angle.ptnr1_symmetry'      
10 4 'Structure model' '_pdbx_struct_conn_angle.ptnr3_auth_comp_id'  
11 4 'Structure model' '_pdbx_struct_conn_angle.ptnr3_auth_seq_id'   
12 4 'Structure model' '_pdbx_struct_conn_angle.ptnr3_label_asym_id' 
13 4 'Structure model' '_pdbx_struct_conn_angle.ptnr3_label_atom_id' 
14 4 'Structure model' '_pdbx_struct_conn_angle.ptnr3_label_comp_id' 
15 4 'Structure model' '_pdbx_struct_conn_angle.ptnr3_label_seq_id'  
16 4 'Structure model' '_pdbx_struct_conn_angle.ptnr3_symmetry'      
17 4 'Structure model' '_pdbx_struct_conn_angle.value'               
18 4 'Structure model' '_struct_conn.pdbx_dist_value'                
19 4 'Structure model' '_struct_conn.ptnr1_auth_comp_id'             
20 4 'Structure model' '_struct_conn.ptnr1_auth_seq_id'              
21 4 'Structure model' '_struct_conn.ptnr1_label_asym_id'            
22 4 'Structure model' '_struct_conn.ptnr1_label_atom_id'            
23 4 'Structure model' '_struct_conn.ptnr1_label_comp_id'            
24 4 'Structure model' '_struct_conn.ptnr1_label_seq_id'             
25 4 'Structure model' '_struct_conn.ptnr1_symmetry'                 
26 4 'Structure model' '_struct_conn.ptnr2_auth_comp_id'             
27 4 'Structure model' '_struct_conn.ptnr2_auth_seq_id'              
28 4 'Structure model' '_struct_conn.ptnr2_label_asym_id'            
29 4 'Structure model' '_struct_conn.ptnr2_label_atom_id'            
30 4 'Structure model' '_struct_conn.ptnr2_label_comp_id'            
31 4 'Structure model' '_struct_conn.ptnr2_label_seq_id'             
32 4 'Structure model' '_struct_conn.ptnr2_symmetry'                 
33 4 'Structure model' '_struct_ref_seq_dif.details'                 
34 4 'Structure model' '_struct_site.pdbx_auth_asym_id'              
35 4 'Structure model' '_struct_site.pdbx_auth_comp_id'              
36 4 'Structure model' '_struct_site.pdbx_auth_seq_id'               
# 
loop_
_software.name 
_software.classification 
_software.version 
_software.citation_id 
_software.pdbx_ordinal 
EPMR      phasing        .   ? 1 
CNS       refinement     1.0 ? 2 
SCALEPACK 'data scaling' .   ? 3 
# 
_pdbx_validate_torsion.id              1 
_pdbx_validate_torsion.PDB_model_num   1 
_pdbx_validate_torsion.auth_comp_id    LYS 
_pdbx_validate_torsion.auth_asym_id    A 
_pdbx_validate_torsion.auth_seq_id     54 
_pdbx_validate_torsion.PDB_ins_code    ? 
_pdbx_validate_torsion.label_alt_id    ? 
_pdbx_validate_torsion.phi             -131.08 
_pdbx_validate_torsion.psi             -30.08 
# 
loop_
_pdbx_unobs_or_zero_occ_atoms.id 
_pdbx_unobs_or_zero_occ_atoms.PDB_model_num 
_pdbx_unobs_or_zero_occ_atoms.polymer_flag 
_pdbx_unobs_or_zero_occ_atoms.occupancy_flag 
_pdbx_unobs_or_zero_occ_atoms.auth_asym_id 
_pdbx_unobs_or_zero_occ_atoms.auth_comp_id 
_pdbx_unobs_or_zero_occ_atoms.auth_seq_id 
_pdbx_unobs_or_zero_occ_atoms.PDB_ins_code 
_pdbx_unobs_or_zero_occ_atoms.auth_atom_id 
_pdbx_unobs_or_zero_occ_atoms.label_alt_id 
_pdbx_unobs_or_zero_occ_atoms.label_asym_id 
_pdbx_unobs_or_zero_occ_atoms.label_comp_id 
_pdbx_unobs_or_zero_occ_atoms.label_seq_id 
_pdbx_unobs_or_zero_occ_atoms.label_atom_id 
1  1 Y 1 A MET 1  ? CG  ? A MET 9  CG  
2  1 Y 1 A MET 1  ? SD  ? A MET 9  SD  
3  1 Y 1 A MET 1  ? CE  ? A MET 9  CE  
4  1 Y 1 A GLU 3  ? CG  ? A GLU 11 CG  
5  1 Y 1 A GLU 3  ? CD  ? A GLU 11 CD  
6  1 Y 1 A GLU 3  ? OE1 ? A GLU 11 OE1 
7  1 Y 1 A GLU 3  ? OE2 ? A GLU 11 OE2 
8  1 Y 1 A LYS 7  ? CE  ? A LYS 15 CE  
9  1 Y 1 A LYS 7  ? NZ  ? A LYS 15 NZ  
10 1 Y 1 A LYS 23 ? CG  ? A LYS 31 CG  
11 1 Y 1 A LYS 23 ? CD  ? A LYS 31 CD  
12 1 Y 1 A LYS 23 ? CE  ? A LYS 31 CE  
13 1 Y 1 A LYS 23 ? NZ  ? A LYS 31 NZ  
14 1 Y 1 A LYS 42 ? CG  ? A LYS 50 CG  
15 1 Y 1 A LYS 42 ? CD  ? A LYS 50 CD  
16 1 Y 1 A LYS 42 ? CE  ? A LYS 50 CE  
17 1 Y 1 A LYS 42 ? NZ  ? A LYS 50 NZ  
# 
loop_
_chem_comp_atom.comp_id 
_chem_comp_atom.atom_id 
_chem_comp_atom.type_symbol 
_chem_comp_atom.pdbx_aromatic_flag 
_chem_comp_atom.pdbx_stereo_config 
_chem_comp_atom.pdbx_ordinal 
ALA N    N  N N 1   
ALA CA   C  N S 2   
ALA C    C  N N 3   
ALA O    O  N N 4   
ALA CB   C  N N 5   
ALA OXT  O  N N 6   
ALA H    H  N N 7   
ALA H2   H  N N 8   
ALA HA   H  N N 9   
ALA HB1  H  N N 10  
ALA HB2  H  N N 11  
ALA HB3  H  N N 12  
ALA HXT  H  N N 13  
ASN N    N  N N 14  
ASN CA   C  N S 15  
ASN C    C  N N 16  
ASN O    O  N N 17  
ASN CB   C  N N 18  
ASN CG   C  N N 19  
ASN OD1  O  N N 20  
ASN ND2  N  N N 21  
ASN OXT  O  N N 22  
ASN H    H  N N 23  
ASN H2   H  N N 24  
ASN HA   H  N N 25  
ASN HB2  H  N N 26  
ASN HB3  H  N N 27  
ASN HD21 H  N N 28  
ASN HD22 H  N N 29  
ASN HXT  H  N N 30  
ASP N    N  N N 31  
ASP CA   C  N S 32  
ASP C    C  N N 33  
ASP O    O  N N 34  
ASP CB   C  N N 35  
ASP CG   C  N N 36  
ASP OD1  O  N N 37  
ASP OD2  O  N N 38  
ASP OXT  O  N N 39  
ASP H    H  N N 40  
ASP H2   H  N N 41  
ASP HA   H  N N 42  
ASP HB2  H  N N 43  
ASP HB3  H  N N 44  
ASP HD2  H  N N 45  
ASP HXT  H  N N 46  
GLN N    N  N N 47  
GLN CA   C  N S 48  
GLN C    C  N N 49  
GLN O    O  N N 50  
GLN CB   C  N N 51  
GLN CG   C  N N 52  
GLN CD   C  N N 53  
GLN OE1  O  N N 54  
GLN NE2  N  N N 55  
GLN OXT  O  N N 56  
GLN H    H  N N 57  
GLN H2   H  N N 58  
GLN HA   H  N N 59  
GLN HB2  H  N N 60  
GLN HB3  H  N N 61  
GLN HG2  H  N N 62  
GLN HG3  H  N N 63  
GLN HE21 H  N N 64  
GLN HE22 H  N N 65  
GLN HXT  H  N N 66  
GLU N    N  N N 67  
GLU CA   C  N S 68  
GLU C    C  N N 69  
GLU O    O  N N 70  
GLU CB   C  N N 71  
GLU CG   C  N N 72  
GLU CD   C  N N 73  
GLU OE1  O  N N 74  
GLU OE2  O  N N 75  
GLU OXT  O  N N 76  
GLU H    H  N N 77  
GLU H2   H  N N 78  
GLU HA   H  N N 79  
GLU HB2  H  N N 80  
GLU HB3  H  N N 81  
GLU HG2  H  N N 82  
GLU HG3  H  N N 83  
GLU HE2  H  N N 84  
GLU HXT  H  N N 85  
GLY N    N  N N 86  
GLY CA   C  N N 87  
GLY C    C  N N 88  
GLY O    O  N N 89  
GLY OXT  O  N N 90  
GLY H    H  N N 91  
GLY H2   H  N N 92  
GLY HA2  H  N N 93  
GLY HA3  H  N N 94  
GLY HXT  H  N N 95  
HIS N    N  N N 96  
HIS CA   C  N S 97  
HIS C    C  N N 98  
HIS O    O  N N 99  
HIS CB   C  N N 100 
HIS CG   C  Y N 101 
HIS ND1  N  Y N 102 
HIS CD2  C  Y N 103 
HIS CE1  C  Y N 104 
HIS NE2  N  Y N 105 
HIS OXT  O  N N 106 
HIS H    H  N N 107 
HIS H2   H  N N 108 
HIS HA   H  N N 109 
HIS HB2  H  N N 110 
HIS HB3  H  N N 111 
HIS HD1  H  N N 112 
HIS HD2  H  N N 113 
HIS HE1  H  N N 114 
HIS HE2  H  N N 115 
HIS HXT  H  N N 116 
HOH O    O  N N 117 
HOH H1   H  N N 118 
HOH H2   H  N N 119 
ILE N    N  N N 120 
ILE CA   C  N S 121 
ILE C    C  N N 122 
ILE O    O  N N 123 
ILE CB   C  N S 124 
ILE CG1  C  N N 125 
ILE CG2  C  N N 126 
ILE CD1  C  N N 127 
ILE OXT  O  N N 128 
ILE H    H  N N 129 
ILE H2   H  N N 130 
ILE HA   H  N N 131 
ILE HB   H  N N 132 
ILE HG12 H  N N 133 
ILE HG13 H  N N 134 
ILE HG21 H  N N 135 
ILE HG22 H  N N 136 
ILE HG23 H  N N 137 
ILE HD11 H  N N 138 
ILE HD12 H  N N 139 
ILE HD13 H  N N 140 
ILE HXT  H  N N 141 
LEU N    N  N N 142 
LEU CA   C  N S 143 
LEU C    C  N N 144 
LEU O    O  N N 145 
LEU CB   C  N N 146 
LEU CG   C  N N 147 
LEU CD1  C  N N 148 
LEU CD2  C  N N 149 
LEU OXT  O  N N 150 
LEU H    H  N N 151 
LEU H2   H  N N 152 
LEU HA   H  N N 153 
LEU HB2  H  N N 154 
LEU HB3  H  N N 155 
LEU HG   H  N N 156 
LEU HD11 H  N N 157 
LEU HD12 H  N N 158 
LEU HD13 H  N N 159 
LEU HD21 H  N N 160 
LEU HD22 H  N N 161 
LEU HD23 H  N N 162 
LEU HXT  H  N N 163 
LYS N    N  N N 164 
LYS CA   C  N S 165 
LYS C    C  N N 166 
LYS O    O  N N 167 
LYS CB   C  N N 168 
LYS CG   C  N N 169 
LYS CD   C  N N 170 
LYS CE   C  N N 171 
LYS NZ   N  N N 172 
LYS OXT  O  N N 173 
LYS H    H  N N 174 
LYS H2   H  N N 175 
LYS HA   H  N N 176 
LYS HB2  H  N N 177 
LYS HB3  H  N N 178 
LYS HG2  H  N N 179 
LYS HG3  H  N N 180 
LYS HD2  H  N N 181 
LYS HD3  H  N N 182 
LYS HE2  H  N N 183 
LYS HE3  H  N N 184 
LYS HZ1  H  N N 185 
LYS HZ2  H  N N 186 
LYS HZ3  H  N N 187 
LYS HXT  H  N N 188 
MET N    N  N N 189 
MET CA   C  N S 190 
MET C    C  N N 191 
MET O    O  N N 192 
MET CB   C  N N 193 
MET CG   C  N N 194 
MET SD   S  N N 195 
MET CE   C  N N 196 
MET OXT  O  N N 197 
MET H    H  N N 198 
MET H2   H  N N 199 
MET HA   H  N N 200 
MET HB2  H  N N 201 
MET HB3  H  N N 202 
MET HG2  H  N N 203 
MET HG3  H  N N 204 
MET HE1  H  N N 205 
MET HE2  H  N N 206 
MET HE3  H  N N 207 
MET HXT  H  N N 208 
PHE N    N  N N 209 
PHE CA   C  N S 210 
PHE C    C  N N 211 
PHE O    O  N N 212 
PHE CB   C  N N 213 
PHE CG   C  Y N 214 
PHE CD1  C  Y N 215 
PHE CD2  C  Y N 216 
PHE CE1  C  Y N 217 
PHE CE2  C  Y N 218 
PHE CZ   C  Y N 219 
PHE OXT  O  N N 220 
PHE H    H  N N 221 
PHE H2   H  N N 222 
PHE HA   H  N N 223 
PHE HB2  H  N N 224 
PHE HB3  H  N N 225 
PHE HD1  H  N N 226 
PHE HD2  H  N N 227 
PHE HE1  H  N N 228 
PHE HE2  H  N N 229 
PHE HZ   H  N N 230 
PHE HXT  H  N N 231 
SER N    N  N N 232 
SER CA   C  N S 233 
SER C    C  N N 234 
SER O    O  N N 235 
SER CB   C  N N 236 
SER OG   O  N N 237 
SER OXT  O  N N 238 
SER H    H  N N 239 
SER H2   H  N N 240 
SER HA   H  N N 241 
SER HB2  H  N N 242 
SER HB3  H  N N 243 
SER HG   H  N N 244 
SER HXT  H  N N 245 
THR N    N  N N 246 
THR CA   C  N S 247 
THR C    C  N N 248 
THR O    O  N N 249 
THR CB   C  N R 250 
THR OG1  O  N N 251 
THR CG2  C  N N 252 
THR OXT  O  N N 253 
THR H    H  N N 254 
THR H2   H  N N 255 
THR HA   H  N N 256 
THR HB   H  N N 257 
THR HG1  H  N N 258 
THR HG21 H  N N 259 
THR HG22 H  N N 260 
THR HG23 H  N N 261 
THR HXT  H  N N 262 
TRP N    N  N N 263 
TRP CA   C  N S 264 
TRP C    C  N N 265 
TRP O    O  N N 266 
TRP CB   C  N N 267 
TRP CG   C  Y N 268 
TRP CD1  C  Y N 269 
TRP CD2  C  Y N 270 
TRP NE1  N  Y N 271 
TRP CE2  C  Y N 272 
TRP CE3  C  Y N 273 
TRP CZ2  C  Y N 274 
TRP CZ3  C  Y N 275 
TRP CH2  C  Y N 276 
TRP OXT  O  N N 277 
TRP H    H  N N 278 
TRP H2   H  N N 279 
TRP HA   H  N N 280 
TRP HB2  H  N N 281 
TRP HB3  H  N N 282 
TRP HD1  H  N N 283 
TRP HE1  H  N N 284 
TRP HE3  H  N N 285 
TRP HZ2  H  N N 286 
TRP HZ3  H  N N 287 
TRP HH2  H  N N 288 
TRP HXT  H  N N 289 
TYR N    N  N N 290 
TYR CA   C  N S 291 
TYR C    C  N N 292 
TYR O    O  N N 293 
TYR CB   C  N N 294 
TYR CG   C  Y N 295 
TYR CD1  C  Y N 296 
TYR CD2  C  Y N 297 
TYR CE1  C  Y N 298 
TYR CE2  C  Y N 299 
TYR CZ   C  Y N 300 
TYR OH   O  N N 301 
TYR OXT  O  N N 302 
TYR H    H  N N 303 
TYR H2   H  N N 304 
TYR HA   H  N N 305 
TYR HB2  H  N N 306 
TYR HB3  H  N N 307 
TYR HD1  H  N N 308 
TYR HD2  H  N N 309 
TYR HE1  H  N N 310 
TYR HE2  H  N N 311 
TYR HH   H  N N 312 
TYR HXT  H  N N 313 
VAL N    N  N N 314 
VAL CA   C  N S 315 
VAL C    C  N N 316 
VAL O    O  N N 317 
VAL CB   C  N N 318 
VAL CG1  C  N N 319 
VAL CG2  C  N N 320 
VAL OXT  O  N N 321 
VAL H    H  N N 322 
VAL H2   H  N N 323 
VAL HA   H  N N 324 
VAL HB   H  N N 325 
VAL HG11 H  N N 326 
VAL HG12 H  N N 327 
VAL HG13 H  N N 328 
VAL HG21 H  N N 329 
VAL HG22 H  N N 330 
VAL HG23 H  N N 331 
VAL HXT  H  N N 332 
ZN  ZN   ZN N N 333 
# 
loop_
_chem_comp_bond.comp_id 
_chem_comp_bond.atom_id_1 
_chem_comp_bond.atom_id_2 
_chem_comp_bond.value_order 
_chem_comp_bond.pdbx_aromatic_flag 
_chem_comp_bond.pdbx_stereo_config 
_chem_comp_bond.pdbx_ordinal 
ALA N   CA   sing N N 1   
ALA N   H    sing N N 2   
ALA N   H2   sing N N 3   
ALA CA  C    sing N N 4   
ALA CA  CB   sing N N 5   
ALA CA  HA   sing N N 6   
ALA C   O    doub N N 7   
ALA C   OXT  sing N N 8   
ALA CB  HB1  sing N N 9   
ALA CB  HB2  sing N N 10  
ALA CB  HB3  sing N N 11  
ALA OXT HXT  sing N N 12  
ASN N   CA   sing N N 13  
ASN N   H    sing N N 14  
ASN N   H2   sing N N 15  
ASN CA  C    sing N N 16  
ASN CA  CB   sing N N 17  
ASN CA  HA   sing N N 18  
ASN C   O    doub N N 19  
ASN C   OXT  sing N N 20  
ASN CB  CG   sing N N 21  
ASN CB  HB2  sing N N 22  
ASN CB  HB3  sing N N 23  
ASN CG  OD1  doub N N 24  
ASN CG  ND2  sing N N 25  
ASN ND2 HD21 sing N N 26  
ASN ND2 HD22 sing N N 27  
ASN OXT HXT  sing N N 28  
ASP N   CA   sing N N 29  
ASP N   H    sing N N 30  
ASP N   H2   sing N N 31  
ASP CA  C    sing N N 32  
ASP CA  CB   sing N N 33  
ASP CA  HA   sing N N 34  
ASP C   O    doub N N 35  
ASP C   OXT  sing N N 36  
ASP CB  CG   sing N N 37  
ASP CB  HB2  sing N N 38  
ASP CB  HB3  sing N N 39  
ASP CG  OD1  doub N N 40  
ASP CG  OD2  sing N N 41  
ASP OD2 HD2  sing N N 42  
ASP OXT HXT  sing N N 43  
GLN N   CA   sing N N 44  
GLN N   H    sing N N 45  
GLN N   H2   sing N N 46  
GLN CA  C    sing N N 47  
GLN CA  CB   sing N N 48  
GLN CA  HA   sing N N 49  
GLN C   O    doub N N 50  
GLN C   OXT  sing N N 51  
GLN CB  CG   sing N N 52  
GLN CB  HB2  sing N N 53  
GLN CB  HB3  sing N N 54  
GLN CG  CD   sing N N 55  
GLN CG  HG2  sing N N 56  
GLN CG  HG3  sing N N 57  
GLN CD  OE1  doub N N 58  
GLN CD  NE2  sing N N 59  
GLN NE2 HE21 sing N N 60  
GLN NE2 HE22 sing N N 61  
GLN OXT HXT  sing N N 62  
GLU N   CA   sing N N 63  
GLU N   H    sing N N 64  
GLU N   H2   sing N N 65  
GLU CA  C    sing N N 66  
GLU CA  CB   sing N N 67  
GLU CA  HA   sing N N 68  
GLU C   O    doub N N 69  
GLU C   OXT  sing N N 70  
GLU CB  CG   sing N N 71  
GLU CB  HB2  sing N N 72  
GLU CB  HB3  sing N N 73  
GLU CG  CD   sing N N 74  
GLU CG  HG2  sing N N 75  
GLU CG  HG3  sing N N 76  
GLU CD  OE1  doub N N 77  
GLU CD  OE2  sing N N 78  
GLU OE2 HE2  sing N N 79  
GLU OXT HXT  sing N N 80  
GLY N   CA   sing N N 81  
GLY N   H    sing N N 82  
GLY N   H2   sing N N 83  
GLY CA  C    sing N N 84  
GLY CA  HA2  sing N N 85  
GLY CA  HA3  sing N N 86  
GLY C   O    doub N N 87  
GLY C   OXT  sing N N 88  
GLY OXT HXT  sing N N 89  
HIS N   CA   sing N N 90  
HIS N   H    sing N N 91  
HIS N   H2   sing N N 92  
HIS CA  C    sing N N 93  
HIS CA  CB   sing N N 94  
HIS CA  HA   sing N N 95  
HIS C   O    doub N N 96  
HIS C   OXT  sing N N 97  
HIS CB  CG   sing N N 98  
HIS CB  HB2  sing N N 99  
HIS CB  HB3  sing N N 100 
HIS CG  ND1  sing Y N 101 
HIS CG  CD2  doub Y N 102 
HIS ND1 CE1  doub Y N 103 
HIS ND1 HD1  sing N N 104 
HIS CD2 NE2  sing Y N 105 
HIS CD2 HD2  sing N N 106 
HIS CE1 NE2  sing Y N 107 
HIS CE1 HE1  sing N N 108 
HIS NE2 HE2  sing N N 109 
HIS OXT HXT  sing N N 110 
HOH O   H1   sing N N 111 
HOH O   H2   sing N N 112 
ILE N   CA   sing N N 113 
ILE N   H    sing N N 114 
ILE N   H2   sing N N 115 
ILE CA  C    sing N N 116 
ILE CA  CB   sing N N 117 
ILE CA  HA   sing N N 118 
ILE C   O    doub N N 119 
ILE C   OXT  sing N N 120 
ILE CB  CG1  sing N N 121 
ILE CB  CG2  sing N N 122 
ILE CB  HB   sing N N 123 
ILE CG1 CD1  sing N N 124 
ILE CG1 HG12 sing N N 125 
ILE CG1 HG13 sing N N 126 
ILE CG2 HG21 sing N N 127 
ILE CG2 HG22 sing N N 128 
ILE CG2 HG23 sing N N 129 
ILE CD1 HD11 sing N N 130 
ILE CD1 HD12 sing N N 131 
ILE CD1 HD13 sing N N 132 
ILE OXT HXT  sing N N 133 
LEU N   CA   sing N N 134 
LEU N   H    sing N N 135 
LEU N   H2   sing N N 136 
LEU CA  C    sing N N 137 
LEU CA  CB   sing N N 138 
LEU CA  HA   sing N N 139 
LEU C   O    doub N N 140 
LEU C   OXT  sing N N 141 
LEU CB  CG   sing N N 142 
LEU CB  HB2  sing N N 143 
LEU CB  HB3  sing N N 144 
LEU CG  CD1  sing N N 145 
LEU CG  CD2  sing N N 146 
LEU CG  HG   sing N N 147 
LEU CD1 HD11 sing N N 148 
LEU CD1 HD12 sing N N 149 
LEU CD1 HD13 sing N N 150 
LEU CD2 HD21 sing N N 151 
LEU CD2 HD22 sing N N 152 
LEU CD2 HD23 sing N N 153 
LEU OXT HXT  sing N N 154 
LYS N   CA   sing N N 155 
LYS N   H    sing N N 156 
LYS N   H2   sing N N 157 
LYS CA  C    sing N N 158 
LYS CA  CB   sing N N 159 
LYS CA  HA   sing N N 160 
LYS C   O    doub N N 161 
LYS C   OXT  sing N N 162 
LYS CB  CG   sing N N 163 
LYS CB  HB2  sing N N 164 
LYS CB  HB3  sing N N 165 
LYS CG  CD   sing N N 166 
LYS CG  HG2  sing N N 167 
LYS CG  HG3  sing N N 168 
LYS CD  CE   sing N N 169 
LYS CD  HD2  sing N N 170 
LYS CD  HD3  sing N N 171 
LYS CE  NZ   sing N N 172 
LYS CE  HE2  sing N N 173 
LYS CE  HE3  sing N N 174 
LYS NZ  HZ1  sing N N 175 
LYS NZ  HZ2  sing N N 176 
LYS NZ  HZ3  sing N N 177 
LYS OXT HXT  sing N N 178 
MET N   CA   sing N N 179 
MET N   H    sing N N 180 
MET N   H2   sing N N 181 
MET CA  C    sing N N 182 
MET CA  CB   sing N N 183 
MET CA  HA   sing N N 184 
MET C   O    doub N N 185 
MET C   OXT  sing N N 186 
MET CB  CG   sing N N 187 
MET CB  HB2  sing N N 188 
MET CB  HB3  sing N N 189 
MET CG  SD   sing N N 190 
MET CG  HG2  sing N N 191 
MET CG  HG3  sing N N 192 
MET SD  CE   sing N N 193 
MET CE  HE1  sing N N 194 
MET CE  HE2  sing N N 195 
MET CE  HE3  sing N N 196 
MET OXT HXT  sing N N 197 
PHE N   CA   sing N N 198 
PHE N   H    sing N N 199 
PHE N   H2   sing N N 200 
PHE CA  C    sing N N 201 
PHE CA  CB   sing N N 202 
PHE CA  HA   sing N N 203 
PHE C   O    doub N N 204 
PHE C   OXT  sing N N 205 
PHE CB  CG   sing N N 206 
PHE CB  HB2  sing N N 207 
PHE CB  HB3  sing N N 208 
PHE CG  CD1  doub Y N 209 
PHE CG  CD2  sing Y N 210 
PHE CD1 CE1  sing Y N 211 
PHE CD1 HD1  sing N N 212 
PHE CD2 CE2  doub Y N 213 
PHE CD2 HD2  sing N N 214 
PHE CE1 CZ   doub Y N 215 
PHE CE1 HE1  sing N N 216 
PHE CE2 CZ   sing Y N 217 
PHE CE2 HE2  sing N N 218 
PHE CZ  HZ   sing N N 219 
PHE OXT HXT  sing N N 220 
SER N   CA   sing N N 221 
SER N   H    sing N N 222 
SER N   H2   sing N N 223 
SER CA  C    sing N N 224 
SER CA  CB   sing N N 225 
SER CA  HA   sing N N 226 
SER C   O    doub N N 227 
SER C   OXT  sing N N 228 
SER CB  OG   sing N N 229 
SER CB  HB2  sing N N 230 
SER CB  HB3  sing N N 231 
SER OG  HG   sing N N 232 
SER OXT HXT  sing N N 233 
THR N   CA   sing N N 234 
THR N   H    sing N N 235 
THR N   H2   sing N N 236 
THR CA  C    sing N N 237 
THR CA  CB   sing N N 238 
THR CA  HA   sing N N 239 
THR C   O    doub N N 240 
THR C   OXT  sing N N 241 
THR CB  OG1  sing N N 242 
THR CB  CG2  sing N N 243 
THR CB  HB   sing N N 244 
THR OG1 HG1  sing N N 245 
THR CG2 HG21 sing N N 246 
THR CG2 HG22 sing N N 247 
THR CG2 HG23 sing N N 248 
THR OXT HXT  sing N N 249 
TRP N   CA   sing N N 250 
TRP N   H    sing N N 251 
TRP N   H2   sing N N 252 
TRP CA  C    sing N N 253 
TRP CA  CB   sing N N 254 
TRP CA  HA   sing N N 255 
TRP C   O    doub N N 256 
TRP C   OXT  sing N N 257 
TRP CB  CG   sing N N 258 
TRP CB  HB2  sing N N 259 
TRP CB  HB3  sing N N 260 
TRP CG  CD1  doub Y N 261 
TRP CG  CD2  sing Y N 262 
TRP CD1 NE1  sing Y N 263 
TRP CD1 HD1  sing N N 264 
TRP CD2 CE2  doub Y N 265 
TRP CD2 CE3  sing Y N 266 
TRP NE1 CE2  sing Y N 267 
TRP NE1 HE1  sing N N 268 
TRP CE2 CZ2  sing Y N 269 
TRP CE3 CZ3  doub Y N 270 
TRP CE3 HE3  sing N N 271 
TRP CZ2 CH2  doub Y N 272 
TRP CZ2 HZ2  sing N N 273 
TRP CZ3 CH2  sing Y N 274 
TRP CZ3 HZ3  sing N N 275 
TRP CH2 HH2  sing N N 276 
TRP OXT HXT  sing N N 277 
TYR N   CA   sing N N 278 
TYR N   H    sing N N 279 
TYR N   H2   sing N N 280 
TYR CA  C    sing N N 281 
TYR CA  CB   sing N N 282 
TYR CA  HA   sing N N 283 
TYR C   O    doub N N 284 
TYR C   OXT  sing N N 285 
TYR CB  CG   sing N N 286 
TYR CB  HB2  sing N N 287 
TYR CB  HB3  sing N N 288 
TYR CG  CD1  doub Y N 289 
TYR CG  CD2  sing Y N 290 
TYR CD1 CE1  sing Y N 291 
TYR CD1 HD1  sing N N 292 
TYR CD2 CE2  doub Y N 293 
TYR CD2 HD2  sing N N 294 
TYR CE1 CZ   doub Y N 295 
TYR CE1 HE1  sing N N 296 
TYR CE2 CZ   sing Y N 297 
TYR CE2 HE2  sing N N 298 
TYR CZ  OH   sing N N 299 
TYR OH  HH   sing N N 300 
TYR OXT HXT  sing N N 301 
VAL N   CA   sing N N 302 
VAL N   H    sing N N 303 
VAL N   H2   sing N N 304 
VAL CA  C    sing N N 305 
VAL CA  CB   sing N N 306 
VAL CA  HA   sing N N 307 
VAL C   O    doub N N 308 
VAL C   OXT  sing N N 309 
VAL CB  CG1  sing N N 310 
VAL CB  CG2  sing N N 311 
VAL CB  HB   sing N N 312 
VAL CG1 HG11 sing N N 313 
VAL CG1 HG12 sing N N 314 
VAL CG1 HG13 sing N N 315 
VAL CG2 HG21 sing N N 316 
VAL CG2 HG22 sing N N 317 
VAL CG2 HG23 sing N N 318 
VAL OXT HXT  sing N N 319 
# 
loop_
_pdbx_entity_nonpoly.entity_id 
_pdbx_entity_nonpoly.name 
_pdbx_entity_nonpoly.comp_id 
2 'ZINC ION' ZN  
3 water      HOH 
# 
_pdbx_initial_refinement_model.id               1 
_pdbx_initial_refinement_model.entity_id_list   ? 
_pdbx_initial_refinement_model.type             'experimental model' 
_pdbx_initial_refinement_model.source_name      PDB 
_pdbx_initial_refinement_model.accession_code   1HZ5 
_pdbx_initial_refinement_model.details          'PDB ENTRY 1hZ5' 
# 
